data_8ZBE
#
_entry.id   8ZBE
#
_cell.length_a   1.00
_cell.length_b   1.00
_cell.length_c   1.00
_cell.angle_alpha   90.00
_cell.angle_beta   90.00
_cell.angle_gamma   90.00
#
_symmetry.space_group_name_H-M   'P 1'
#
loop_
_entity.id
_entity.type
_entity.pdbx_description
1 polymer 'Beta-2 adrenergic receptor,Somatostatin receptor type 5,lgbit (fusion protein)'
2 polymer 'Guanine nucleotide-binding protein G(i) subunit alpha-1'
3 polymer 'Guanine nucleotide-binding protein subunit gamma'
4 polymer ScFv16
5 polymer octreotide
6 polymer 'Guanine nucleotide-binding protein G(I)/G(S)/G(T) subunit beta-1'
#
loop_
_entity_poly.entity_id
_entity_poly.type
_entity_poly.pdbx_seq_one_letter_code
_entity_poly.pdbx_strand_id
1 'polypeptide(L)'
;MKTIIALSYIFCLVFADYKDDDDKMGQPGNGSAFLLAPNGSHAPDHDVMEPLFPASTPSWNASSPGAASGGGDNRTLVGP
APSAGARAVLVPVLYLLVCAAGLGGNTLVIYVVLRFAKMKTVTNIYILNLAVADVLYMLGLPFLATQNAASFWPFGPVLC
RLVMTLDGVNQFTSVFCLTVMSVDRYLAVVHPLSSARWRRPRVAKLASAAAWVLSLCMSLPLLVFADVQEGGTCNASWPE
PVGLWGAVFIIYTAVLGFFAPLLVICLCYLLIVVKVRAAGVRVGCVRRRSERKVTRMVLVVVLVFAGCWLPFFTVNIVNL
AVALPQEPASAGLYFFVVILSYANSCANPVLYGFLSDNFRQSFQKVLCLRKGSGAKDADATEPRPDRIRQQQEATPPAHR
AAANGLMQTSKLVFTLEDFVGDWEQTAAYNLDQVLEQGGVSSLLQNLAVSVTPIQRIVRSGENALKIDIHVIIPYEGLSA
DQMAQIEEVFKVVYPVDDHHFKVILPYGTLVIDGVTPNMLNYFGRPYEGIAVFDGKKITVTGTLWNGNKIIDERLITPDG
SMLFRVTINS
;
A
2 'polypeptide(L)'
;MGCTLSAEDKAAVERSKMIDRNLREDGEKAAREVKLLLLGAGESGKSTIVKQMKIIHEAGYSEEECKQYKAVVYSNTIQS
IIAIIRAMGRLKIDFGDSARADDARQLFVLAGAAEEGFMTAELAGVIKRLWKDSGVQACFNRSREYQLNDSAAYYLNDLD
RIAQPNYIPTQQDVLRTRVKTTGIVETHFTFKDLHFKMFDVGAQRSERKKWIHCFEGVTAIIFCVALSDYDLVLAEDEEM
NRMHESMKLFDSICNNKWFTDTSIILFLNKKDLFEEKIKKSPLTICYPEYAGSNTYEEAAAYIQCQFEDLNKRKDTKEIY
THFTCSTDTKNVQFVFDAVTDVIIKNNLKDCGLF
;
B
3 'polypeptide(L)' MASNNTASIAQARKLVEQLKMEANIDRIKVSKAAADLMAYCEAHAKEDPLLTPVPASENPFREKKFFCAIL D
4 'polypeptide(L)'
;MLLVNQSHQGFNKEHTSKMVSAIVLYVLLAAAAHSAFAVQLVESGGGLVQPGGSRKLSCSASGFAFSSFGMHWVRQAPEK
GLEWVAYISSGSGTIYYADTVKGRFTISRDDPKNTLFLQMTSLRSEDTAMYYCVRSIYYYGSSPFDFWGQGTTLTVSAGG
GGSGGGGSGGGGSSDIVMTQATSSVPVTPGESVSISCRSSKSLLHSNGNTYLYWFLQRPGQSPQLLIYRMSNLASGVPDR
FSGSGSGTAFTLTISRLEAEDVGVYYCMQHLEYPLTFGAGTKLELVDENLYFQGASHHHHHHHH
;
E
5 'polypeptide(L)' (DPN)CF(DTR)KTCT P
6 'polypeptide(L)'
;MHHHHHHGSLLQSELDQLRQEAEQLKNQIRDARKACADATLSQITNNIDPVGRIQMRTRRTLRGHLAKIYAMHWGTDSRL
LVSASQDGKLIIWDSYTTNKVHAIPLRSSWVMTCAYAPSGNYVACGGLDNICSIYNLKTREGNVRVSRELAGHTGYLSCC
RFLDDNQIVTSSGDTTCALWDIETGQQTTTFTGHTGDVMSLSLAPDTRLFVSGACDASAKLWDVREGMCRQTFTGHESDI
NAICFFPNGNAFATGSDDATCRLFDLRADQELMTYSHDNIICGITSVSFSKSGRLLLAGYDDFNCNVWDALKADRAGVLA
GHDNRVSCLGVTDDGMAVATGSWDSFLKIWNGSSGGGGSGGGGSSGVSGWRLFKKIS
;
C
#
# COMPACT_ATOMS: atom_id res chain seq x y z
N LEU A 90 -48.81 27.01 -1.35
CA LEU A 90 -48.56 26.98 0.09
C LEU A 90 -47.07 27.10 0.39
N VAL A 91 -46.52 28.28 0.12
CA VAL A 91 -45.08 28.50 0.31
C VAL A 91 -44.64 28.29 1.76
N PRO A 92 -45.34 28.82 2.78
CA PRO A 92 -44.82 28.69 4.16
C PRO A 92 -44.50 27.26 4.58
N VAL A 93 -45.25 26.28 4.10
CA VAL A 93 -44.99 24.88 4.41
C VAL A 93 -44.13 24.22 3.34
N LEU A 94 -44.36 24.55 2.07
CA LEU A 94 -43.64 23.90 0.99
C LEU A 94 -42.14 24.21 1.05
N TYR A 95 -41.79 25.47 1.30
CA TYR A 95 -40.38 25.85 1.35
C TYR A 95 -39.67 25.11 2.48
N LEU A 96 -40.28 25.05 3.66
CA LEU A 96 -39.68 24.35 4.78
C LEU A 96 -39.53 22.86 4.48
N LEU A 97 -40.58 22.25 3.90
CA LEU A 97 -40.53 20.82 3.61
C LEU A 97 -39.45 20.51 2.59
N VAL A 98 -39.29 21.34 1.55
CA VAL A 98 -38.33 21.06 0.50
C VAL A 98 -36.93 21.52 0.85
N CYS A 99 -36.76 22.36 1.88
CA CYS A 99 -35.45 22.85 2.26
C CYS A 99 -34.90 22.22 3.53
N ALA A 100 -35.71 21.49 4.29
CA ALA A 100 -35.20 20.81 5.48
C ALA A 100 -34.64 19.43 5.12
N ALA A 101 -35.49 18.56 4.58
CA ALA A 101 -35.03 17.22 4.18
C ALA A 101 -33.99 17.29 3.07
N GLY A 102 -34.19 18.21 2.12
CA GLY A 102 -33.23 18.34 1.04
C GLY A 102 -31.85 18.76 1.52
N LEU A 103 -31.79 19.71 2.45
CA LEU A 103 -30.52 20.16 2.99
C LEU A 103 -29.92 19.17 3.97
N GLY A 104 -30.74 18.34 4.62
CA GLY A 104 -30.22 17.36 5.55
C GLY A 104 -29.68 16.11 4.87
N GLY A 105 -30.38 15.65 3.82
CA GLY A 105 -29.97 14.45 3.15
C GLY A 105 -28.62 14.58 2.47
N ASN A 106 -28.37 15.72 1.83
CA ASN A 106 -27.08 15.94 1.17
C ASN A 106 -25.95 16.01 2.19
N THR A 107 -26.18 16.68 3.32
CA THR A 107 -25.16 16.72 4.37
C THR A 107 -24.88 15.34 4.92
N LEU A 108 -25.92 14.53 5.13
CA LEU A 108 -25.73 13.17 5.59
C LEU A 108 -24.96 12.35 4.55
N VAL A 109 -25.29 12.52 3.27
CA VAL A 109 -24.59 11.80 2.21
C VAL A 109 -23.11 12.17 2.22
N ILE A 110 -22.80 13.46 2.37
CA ILE A 110 -21.41 13.89 2.43
C ILE A 110 -20.71 13.26 3.63
N TYR A 111 -21.39 13.25 4.79
CA TYR A 111 -20.78 12.70 6.00
C TYR A 111 -20.45 11.23 5.83
N VAL A 112 -21.41 10.44 5.34
CA VAL A 112 -21.15 9.01 5.17
C VAL A 112 -20.09 8.76 4.10
N VAL A 113 -20.18 9.46 2.96
CA VAL A 113 -19.22 9.24 1.88
C VAL A 113 -17.82 9.71 2.24
N LEU A 114 -17.69 10.56 3.26
CA LEU A 114 -16.36 10.98 3.70
C LEU A 114 -15.82 10.11 4.83
N ARG A 115 -16.68 9.63 5.72
CA ARG A 115 -16.23 8.90 6.91
C ARG A 115 -16.35 7.38 6.74
N PHE A 116 -17.55 6.88 6.44
CA PHE A 116 -17.78 5.44 6.45
C PHE A 116 -16.96 4.74 5.37
N ALA A 117 -16.91 5.33 4.17
CA ALA A 117 -16.16 4.77 3.05
C ALA A 117 -15.27 5.87 2.50
N LYS A 118 -13.97 5.82 2.83
CA LYS A 118 -13.05 6.81 2.30
C LYS A 118 -13.20 6.79 0.80
N MET A 119 -12.89 5.64 0.20
CA MET A 119 -13.04 5.49 -1.25
C MET A 119 -12.38 6.62 -2.04
N LYS A 120 -11.05 6.69 -2.00
CA LYS A 120 -10.34 7.71 -2.77
C LYS A 120 -10.72 7.68 -4.24
N THR A 121 -11.41 6.62 -4.67
CA THR A 121 -11.82 6.50 -6.07
C THR A 121 -12.34 7.80 -6.64
N VAL A 122 -11.94 8.09 -7.88
CA VAL A 122 -12.46 9.29 -8.54
C VAL A 122 -13.94 9.51 -8.28
N THR A 123 -14.75 8.44 -8.36
CA THR A 123 -16.19 8.60 -8.32
C THR A 123 -16.67 9.16 -6.99
N ASN A 124 -16.01 8.80 -5.89
CA ASN A 124 -16.41 9.30 -4.58
C ASN A 124 -16.30 10.81 -4.42
N ILE A 125 -15.27 11.41 -5.01
CA ILE A 125 -15.11 12.85 -4.83
C ILE A 125 -15.88 13.51 -5.98
N TYR A 126 -16.07 12.79 -7.09
CA TYR A 126 -16.87 13.33 -8.18
C TYR A 126 -18.32 13.52 -7.74
N ILE A 127 -18.88 12.57 -7.01
CA ILE A 127 -20.23 12.76 -6.50
C ILE A 127 -20.24 13.68 -5.29
N LEU A 128 -19.15 13.74 -4.52
CA LEU A 128 -19.07 14.68 -3.42
C LEU A 128 -19.08 16.12 -3.93
N ASN A 129 -18.55 16.35 -5.13
CA ASN A 129 -18.59 17.69 -5.72
C ASN A 129 -20.03 18.17 -5.88
N LEU A 130 -20.87 17.36 -6.52
CA LEU A 130 -22.26 17.79 -6.70
C LEU A 130 -23.03 17.73 -5.39
N ALA A 131 -22.62 16.87 -4.45
CA ALA A 131 -23.25 16.87 -3.14
C ALA A 131 -23.01 18.18 -2.42
N VAL A 132 -21.78 18.68 -2.45
CA VAL A 132 -21.46 19.97 -1.84
C VAL A 132 -22.14 21.10 -2.61
N ALA A 133 -22.21 20.97 -3.93
CA ALA A 133 -22.92 21.96 -4.74
C ALA A 133 -24.37 22.08 -4.30
N ASP A 134 -25.04 20.93 -4.13
CA ASP A 134 -26.42 20.94 -3.69
C ASP A 134 -26.55 21.44 -2.26
N VAL A 135 -25.59 21.11 -1.40
CA VAL A 135 -25.64 21.55 -0.01
C VAL A 135 -25.59 23.08 0.07
N LEU A 136 -24.69 23.69 -0.70
CA LEU A 136 -24.61 25.16 -0.70
C LEU A 136 -25.65 25.79 -1.61
N TYR A 137 -26.42 25.02 -2.38
CA TYR A 137 -27.45 25.56 -3.30
C TYR A 137 -28.84 25.43 -2.67
N MET A 138 -28.95 24.65 -1.61
CA MET A 138 -30.23 24.57 -0.94
C MET A 138 -30.65 25.87 -0.27
N LEU A 139 -29.71 26.76 0.02
CA LEU A 139 -30.04 28.01 0.70
C LEU A 139 -30.87 28.96 -0.16
N GLY A 140 -31.00 28.69 -1.46
CA GLY A 140 -31.79 29.57 -2.31
C GLY A 140 -33.28 29.43 -2.14
N LEU A 141 -33.74 28.35 -1.50
CA LEU A 141 -35.17 28.15 -1.32
C LEU A 141 -35.83 29.24 -0.49
N PRO A 142 -35.35 29.59 0.71
CA PRO A 142 -35.95 30.73 1.42
C PRO A 142 -35.79 32.04 0.67
N PHE A 143 -34.69 32.19 -0.08
CA PHE A 143 -34.45 33.44 -0.80
C PHE A 143 -35.52 33.66 -1.87
N LEU A 144 -35.90 32.60 -2.58
CA LEU A 144 -37.01 32.70 -3.53
C LEU A 144 -38.36 32.69 -2.86
N ALA A 145 -38.49 32.06 -1.69
CA ALA A 145 -39.73 32.09 -0.94
C ALA A 145 -40.04 33.47 -0.38
N THR A 146 -39.01 34.29 -0.19
CA THR A 146 -39.23 35.68 0.21
C THR A 146 -40.08 36.43 -0.80
N GLN A 147 -40.07 36.00 -2.07
CA GLN A 147 -40.92 36.64 -3.08
C GLN A 147 -42.40 36.50 -2.72
N ASN A 148 -42.82 35.31 -2.31
CA ASN A 148 -44.18 35.10 -1.82
C ASN A 148 -44.38 35.64 -0.41
N ALA A 149 -43.31 35.72 0.37
CA ALA A 149 -43.38 36.29 1.71
C ALA A 149 -43.46 37.81 1.71
N ALA A 150 -43.28 38.45 0.56
CA ALA A 150 -43.40 39.90 0.39
C ALA A 150 -42.34 40.67 1.16
N SER A 151 -41.24 40.02 1.51
CA SER A 151 -40.08 40.67 2.12
C SER A 151 -38.94 40.58 1.11
N PHE A 152 -38.70 41.67 0.38
CA PHE A 152 -37.74 41.64 -0.72
C PHE A 152 -36.32 41.36 -0.24
N TRP A 153 -36.01 41.61 1.03
CA TRP A 153 -34.69 41.35 1.56
C TRP A 153 -34.74 41.34 3.07
N PRO A 154 -34.06 40.39 3.73
CA PRO A 154 -34.04 40.39 5.20
C PRO A 154 -33.07 41.41 5.77
N PHE A 155 -31.99 41.66 5.04
CA PHE A 155 -31.00 42.68 5.40
C PHE A 155 -31.06 43.89 4.49
N GLY A 156 -31.10 43.68 3.18
CA GLY A 156 -31.29 44.75 2.23
C GLY A 156 -30.29 44.80 1.10
N PRO A 157 -28.99 44.58 1.39
CA PRO A 157 -28.03 44.45 0.29
C PRO A 157 -27.72 43.02 -0.06
N VAL A 158 -28.15 42.08 0.79
CA VAL A 158 -27.81 40.68 0.59
C VAL A 158 -28.53 40.10 -0.61
N LEU A 159 -29.84 40.38 -0.72
CA LEU A 159 -30.69 39.65 -1.64
C LEU A 159 -30.36 39.93 -3.10
N CYS A 160 -29.82 41.11 -3.39
CA CYS A 160 -29.69 41.49 -4.80
C CYS A 160 -28.24 41.63 -5.24
N ARG A 161 -27.32 41.81 -4.29
CA ARG A 161 -25.92 42.03 -4.64
C ARG A 161 -25.30 40.78 -5.25
N LEU A 162 -25.34 39.66 -4.54
CA LEU A 162 -24.69 38.46 -5.04
C LEU A 162 -25.48 37.17 -4.77
N VAL A 163 -26.77 37.28 -4.44
CA VAL A 163 -27.56 36.06 -4.24
C VAL A 163 -27.75 35.32 -5.56
N MET A 164 -28.21 36.04 -6.59
CA MET A 164 -28.33 35.44 -7.91
C MET A 164 -26.97 35.14 -8.52
N THR A 165 -25.90 35.74 -7.99
CA THR A 165 -24.55 35.51 -8.48
C THR A 165 -23.85 34.35 -7.79
N LEU A 166 -24.35 33.91 -6.63
CA LEU A 166 -23.73 32.85 -5.87
C LEU A 166 -24.60 31.61 -5.80
N ASP A 167 -25.85 31.74 -5.33
CA ASP A 167 -26.73 30.59 -5.27
C ASP A 167 -27.08 30.08 -6.67
N GLY A 168 -27.26 30.99 -7.62
CA GLY A 168 -27.50 30.58 -9.00
C GLY A 168 -26.31 29.92 -9.66
N VAL A 169 -25.09 30.26 -9.24
CA VAL A 169 -23.90 29.63 -9.80
C VAL A 169 -23.86 28.16 -9.45
N ASN A 170 -24.41 27.79 -8.28
CA ASN A 170 -24.41 26.40 -7.87
C ASN A 170 -25.26 25.52 -8.80
N GLN A 171 -26.23 26.10 -9.51
CA GLN A 171 -26.98 25.31 -10.48
C GLN A 171 -26.07 24.79 -11.59
N PHE A 172 -25.31 25.69 -12.22
CA PHE A 172 -24.38 25.26 -13.25
C PHE A 172 -23.29 24.39 -12.65
N THR A 173 -22.87 24.67 -11.42
CA THR A 173 -21.87 23.84 -10.77
C THR A 173 -22.37 22.40 -10.62
N SER A 174 -23.60 22.23 -10.14
CA SER A 174 -24.12 20.89 -9.91
C SER A 174 -24.38 20.16 -11.22
N VAL A 175 -24.88 20.86 -12.24
CA VAL A 175 -25.08 20.20 -13.52
C VAL A 175 -23.74 19.78 -14.12
N PHE A 176 -22.72 20.63 -14.00
CA PHE A 176 -21.39 20.26 -14.49
C PHE A 176 -20.83 19.08 -13.72
N CYS A 177 -21.03 19.05 -12.40
CA CYS A 177 -20.55 17.92 -11.62
C CYS A 177 -21.30 16.64 -11.96
N LEU A 178 -22.59 16.74 -12.27
CA LEU A 178 -23.36 15.56 -12.66
C LEU A 178 -22.88 15.01 -13.99
N THR A 179 -22.60 15.90 -14.96
CA THR A 179 -22.06 15.40 -16.22
C THR A 179 -20.62 14.91 -16.03
N VAL A 180 -19.89 15.45 -15.06
CA VAL A 180 -18.57 14.92 -14.73
C VAL A 180 -18.70 13.49 -14.21
N MET A 181 -19.69 13.25 -13.34
CA MET A 181 -19.92 11.89 -12.86
C MET A 181 -20.32 10.96 -13.99
N SER A 182 -21.15 11.45 -14.92
CA SER A 182 -21.51 10.61 -16.07
C SER A 182 -20.30 10.26 -16.91
N VAL A 183 -19.42 11.24 -17.16
CA VAL A 183 -18.21 10.99 -17.92
C VAL A 183 -17.29 10.02 -17.17
N ASP A 184 -17.20 10.17 -15.85
CA ASP A 184 -16.38 9.28 -15.04
C ASP A 184 -16.89 7.84 -15.16
N ARG A 185 -18.21 7.65 -15.06
CA ARG A 185 -18.76 6.31 -15.20
C ARG A 185 -18.52 5.77 -16.61
N TYR A 186 -18.67 6.61 -17.63
CA TYR A 186 -18.43 6.16 -19.00
C TYR A 186 -16.98 5.70 -19.19
N LEU A 187 -16.02 6.46 -18.68
CA LEU A 187 -14.62 6.09 -18.78
C LEU A 187 -14.28 4.88 -17.93
N ALA A 188 -14.96 4.68 -16.81
CA ALA A 188 -14.68 3.53 -15.95
C ALA A 188 -15.26 2.24 -16.50
N VAL A 189 -16.40 2.29 -17.16
CA VAL A 189 -17.10 1.08 -17.59
C VAL A 189 -16.93 0.82 -19.08
N VAL A 190 -17.26 1.79 -19.92
CA VAL A 190 -17.20 1.56 -21.36
C VAL A 190 -15.75 1.35 -21.81
N HIS A 191 -14.85 2.19 -21.31
CA HIS A 191 -13.43 2.16 -21.76
C HIS A 191 -12.25 2.40 -20.80
N PRO A 192 -11.87 1.41 -19.98
CA PRO A 192 -10.69 1.63 -19.16
C PRO A 192 -9.48 1.24 -19.97
N LEU A 193 -9.57 1.13 -21.30
CA LEU A 193 -8.44 0.91 -22.19
C LEU A 193 -7.26 1.80 -21.79
N SER A 194 -7.52 3.10 -21.64
CA SER A 194 -6.52 4.07 -21.17
C SER A 194 -7.17 4.88 -20.05
N SER A 195 -7.11 4.32 -18.83
CA SER A 195 -7.71 4.94 -17.67
C SER A 195 -6.69 5.56 -16.73
N ALA A 196 -5.43 5.64 -17.16
CA ALA A 196 -4.38 6.25 -16.36
C ALA A 196 -4.07 7.68 -16.80
N ARG A 197 -4.83 8.22 -17.75
CA ARG A 197 -4.58 9.57 -18.25
C ARG A 197 -5.57 10.58 -17.68
N TRP A 198 -6.83 10.20 -17.47
CA TRP A 198 -7.82 11.12 -16.97
C TRP A 198 -8.56 10.63 -15.72
N ARG A 199 -8.56 9.31 -15.51
CA ARG A 199 -9.27 8.74 -14.37
C ARG A 199 -8.44 8.77 -13.10
N ARG A 200 -7.22 9.30 -13.16
CA ARG A 200 -6.40 9.43 -11.97
C ARG A 200 -7.03 10.44 -11.01
N PRO A 201 -6.77 10.31 -9.71
CA PRO A 201 -7.36 11.25 -8.75
C PRO A 201 -6.93 12.69 -8.96
N ARG A 202 -5.78 12.93 -9.61
CA ARG A 202 -5.34 14.29 -9.85
C ARG A 202 -6.32 15.04 -10.75
N VAL A 203 -6.77 14.38 -11.82
CA VAL A 203 -7.70 15.03 -12.75
C VAL A 203 -9.09 15.16 -12.13
N ALA A 204 -9.42 14.29 -11.17
CA ALA A 204 -10.75 14.32 -10.59
C ALA A 204 -11.03 15.60 -9.82
N LYS A 205 -10.00 16.29 -9.34
CA LYS A 205 -10.19 17.59 -8.70
C LYS A 205 -9.98 18.75 -9.66
N LEU A 206 -9.12 18.59 -10.67
CA LEU A 206 -8.96 19.64 -11.68
C LEU A 206 -10.24 19.81 -12.47
N ALA A 207 -10.93 18.72 -12.79
CA ALA A 207 -12.22 18.82 -13.48
C ALA A 207 -13.25 19.52 -12.59
N SER A 208 -13.24 19.23 -11.29
CA SER A 208 -14.15 19.91 -10.38
C SER A 208 -13.86 21.40 -10.33
N ALA A 209 -12.58 21.77 -10.24
CA ALA A 209 -12.22 23.18 -10.23
C ALA A 209 -12.63 23.85 -11.53
N ALA A 210 -12.48 23.14 -12.65
CA ALA A 210 -12.95 23.66 -13.93
C ALA A 210 -14.45 23.91 -13.90
N ALA A 211 -15.21 22.96 -13.35
CA ALA A 211 -16.65 23.14 -13.26
C ALA A 211 -17.00 24.36 -12.42
N TRP A 212 -16.32 24.54 -11.29
CA TRP A 212 -16.57 25.69 -10.43
C TRP A 212 -16.27 27.00 -11.15
N VAL A 213 -15.13 27.07 -11.85
CA VAL A 213 -14.76 28.32 -12.50
C VAL A 213 -15.68 28.62 -13.69
N LEU A 214 -16.10 27.59 -14.45
CA LEU A 214 -17.06 27.84 -15.52
C LEU A 214 -18.40 28.28 -14.96
N SER A 215 -18.82 27.73 -13.82
CA SER A 215 -20.06 28.20 -13.20
C SER A 215 -19.93 29.65 -12.76
N LEU A 216 -18.79 30.02 -12.18
CA LEU A 216 -18.57 31.41 -11.80
C LEU A 216 -18.58 32.34 -13.01
N CYS A 217 -17.93 31.92 -14.10
CA CYS A 217 -17.89 32.75 -15.30
C CYS A 217 -19.28 32.88 -15.93
N MET A 218 -20.10 31.83 -15.85
CA MET A 218 -21.47 31.93 -16.32
C MET A 218 -22.36 32.76 -15.40
N SER A 219 -21.88 33.08 -14.20
CA SER A 219 -22.63 33.90 -13.27
C SER A 219 -21.99 35.26 -13.01
N LEU A 220 -20.75 35.47 -13.46
CA LEU A 220 -20.11 36.77 -13.28
C LEU A 220 -20.88 37.92 -13.95
N PRO A 221 -21.41 37.79 -15.17
CA PRO A 221 -22.23 38.90 -15.71
C PRO A 221 -23.41 39.25 -14.82
N LEU A 222 -24.02 38.25 -14.18
CA LEU A 222 -25.13 38.53 -13.26
C LEU A 222 -24.66 39.40 -12.10
N LEU A 223 -23.49 39.10 -11.54
CA LEU A 223 -22.94 39.92 -10.47
C LEU A 223 -22.61 41.32 -10.97
N VAL A 224 -22.05 41.43 -12.17
CA VAL A 224 -21.70 42.73 -12.73
C VAL A 224 -22.95 43.56 -12.97
N PHE A 225 -24.09 42.92 -13.23
CA PHE A 225 -25.34 43.62 -13.48
C PHE A 225 -26.33 43.46 -12.31
N ALA A 226 -25.83 43.12 -11.13
CA ALA A 226 -26.69 42.81 -9.99
C ALA A 226 -27.11 44.08 -9.29
N ASP A 227 -28.13 44.75 -9.83
CA ASP A 227 -28.70 45.95 -9.20
C ASP A 227 -30.16 46.07 -9.66
N VAL A 228 -31.08 45.66 -8.79
CA VAL A 228 -32.50 45.81 -9.02
C VAL A 228 -33.21 46.02 -7.69
N GLN A 229 -34.49 46.43 -7.77
CA GLN A 229 -35.37 46.72 -6.63
C GLN A 229 -34.85 46.35 -5.25
N CYS A 234 -34.55 39.08 -5.96
CA CYS A 234 -34.06 40.13 -6.85
C CYS A 234 -33.41 39.57 -8.10
N ASN A 235 -33.96 39.94 -9.26
CA ASN A 235 -33.38 39.57 -10.55
C ASN A 235 -33.00 40.85 -11.28
N ALA A 236 -31.76 40.89 -11.77
CA ALA A 236 -31.25 42.10 -12.40
C ALA A 236 -30.39 41.95 -13.65
N SER A 237 -30.44 40.82 -14.35
CA SER A 237 -29.52 40.65 -15.48
C SER A 237 -29.84 41.53 -16.63
N TRP A 238 -31.10 41.94 -16.73
CA TRP A 238 -31.53 42.82 -17.79
C TRP A 238 -31.65 44.27 -17.28
N PRO A 239 -32.23 44.52 -16.06
CA PRO A 239 -32.32 45.96 -15.71
C PRO A 239 -31.04 46.76 -15.93
N GLU A 240 -29.87 46.23 -15.55
CA GLU A 240 -28.64 47.03 -15.68
C GLU A 240 -28.30 47.34 -17.14
N PRO A 241 -28.28 46.39 -18.07
CA PRO A 241 -28.09 46.74 -19.48
C PRO A 241 -29.39 47.24 -20.09
N VAL A 242 -29.34 47.53 -21.40
CA VAL A 242 -30.43 48.25 -22.03
C VAL A 242 -31.27 47.37 -22.97
N GLY A 243 -30.68 46.89 -24.06
CA GLY A 243 -31.49 46.33 -25.13
C GLY A 243 -32.13 44.98 -24.91
N LEU A 244 -31.33 43.90 -24.96
CA LEU A 244 -31.86 42.56 -24.77
C LEU A 244 -30.88 41.64 -24.06
N TRP A 245 -29.99 42.22 -23.23
CA TRP A 245 -28.95 41.42 -22.61
C TRP A 245 -29.52 40.43 -21.59
N GLY A 246 -30.65 40.75 -20.98
CA GLY A 246 -31.29 39.80 -20.08
C GLY A 246 -31.76 38.55 -20.82
N ALA A 247 -32.42 38.75 -21.96
CA ALA A 247 -32.84 37.60 -22.77
C ALA A 247 -31.64 36.84 -23.31
N VAL A 248 -30.58 37.55 -23.70
CA VAL A 248 -29.38 36.88 -24.17
C VAL A 248 -28.77 36.04 -23.05
N PHE A 249 -28.80 36.56 -21.81
CA PHE A 249 -28.25 35.85 -20.65
C PHE A 249 -28.93 34.54 -20.48
N ILE A 250 -30.22 34.59 -20.28
CA ILE A 250 -30.94 33.37 -20.05
C ILE A 250 -30.86 32.44 -21.23
N ILE A 251 -30.95 32.93 -22.47
CA ILE A 251 -30.75 31.96 -23.55
C ILE A 251 -29.42 31.24 -23.39
N TYR A 252 -28.35 31.97 -23.08
CA TYR A 252 -27.06 31.35 -22.84
C TYR A 252 -27.12 30.43 -21.63
N THR A 253 -27.85 30.84 -20.59
CA THR A 253 -28.01 30.02 -19.40
C THR A 253 -28.69 28.70 -19.73
N ALA A 254 -29.76 28.74 -20.54
CA ALA A 254 -30.42 27.51 -20.95
C ALA A 254 -29.48 26.63 -21.77
N VAL A 255 -28.81 27.23 -22.76
CA VAL A 255 -27.93 26.45 -23.63
C VAL A 255 -26.74 25.86 -22.88
N LEU A 256 -26.31 26.49 -21.79
CA LEU A 256 -25.18 25.99 -21.02
C LEU A 256 -25.58 25.11 -19.84
N GLY A 257 -26.85 25.15 -19.43
CA GLY A 257 -27.28 24.36 -18.30
C GLY A 257 -28.02 23.09 -18.68
N PHE A 258 -28.75 23.10 -19.79
CA PHE A 258 -29.49 21.92 -20.20
C PHE A 258 -29.07 21.38 -21.56
N PHE A 259 -28.83 22.25 -22.54
CA PHE A 259 -28.60 21.79 -23.90
C PHE A 259 -27.37 20.89 -23.98
N ALA A 260 -26.24 21.36 -23.47
CA ALA A 260 -25.02 20.56 -23.52
C ALA A 260 -24.97 19.49 -22.42
N PRO A 261 -25.07 19.86 -21.13
CA PRO A 261 -24.71 18.88 -20.09
C PRO A 261 -25.79 17.85 -19.80
N LEU A 262 -27.05 18.25 -19.78
CA LEU A 262 -28.14 17.37 -19.35
C LEU A 262 -28.93 16.77 -20.50
N LEU A 263 -28.62 17.11 -21.75
CA LEU A 263 -29.32 16.56 -22.89
C LEU A 263 -28.48 15.55 -23.68
N VAL A 264 -27.21 15.86 -23.93
CA VAL A 264 -26.34 14.95 -24.68
C VAL A 264 -25.14 14.49 -23.87
N ILE A 265 -24.79 15.18 -22.79
CA ILE A 265 -23.62 14.79 -21.99
C ILE A 265 -24.02 13.89 -20.83
N CYS A 266 -25.09 14.24 -20.11
CA CYS A 266 -25.63 13.33 -19.10
C CYS A 266 -26.40 12.18 -19.72
N LEU A 267 -26.64 12.22 -21.03
CA LEU A 267 -27.21 11.08 -21.75
C LEU A 267 -26.19 9.98 -21.98
N CYS A 268 -24.93 10.19 -21.57
CA CYS A 268 -23.93 9.13 -21.65
C CYS A 268 -24.29 7.94 -20.76
N TYR A 269 -25.17 8.14 -19.78
CA TYR A 269 -25.66 7.00 -18.99
C TYR A 269 -26.37 6.00 -19.88
N LEU A 270 -27.20 6.47 -20.81
CA LEU A 270 -27.87 5.56 -21.74
C LEU A 270 -26.86 4.84 -22.63
N LEU A 271 -25.81 5.55 -23.04
CA LEU A 271 -24.79 4.94 -23.89
C LEU A 271 -23.90 3.97 -23.13
N ILE A 272 -23.84 4.09 -21.81
CA ILE A 272 -22.95 3.24 -21.02
C ILE A 272 -23.36 1.77 -21.12
N VAL A 273 -24.67 1.49 -21.26
CA VAL A 273 -25.16 0.13 -21.18
C VAL A 273 -25.21 -0.58 -22.52
N VAL A 274 -24.97 0.14 -23.62
CA VAL A 274 -25.24 -0.31 -24.99
C VAL A 274 -24.83 -1.76 -25.22
N LYS A 275 -23.61 -2.11 -24.84
CA LYS A 275 -23.10 -3.46 -25.07
C LYS A 275 -22.89 -4.26 -23.79
N VAL A 276 -23.02 -3.65 -22.61
CA VAL A 276 -22.72 -4.34 -21.36
C VAL A 276 -23.96 -4.59 -20.51
N ARG A 277 -25.14 -4.25 -21.01
CA ARG A 277 -26.36 -4.46 -20.25
C ARG A 277 -26.73 -5.94 -20.19
N ARG A 287 -26.95 -14.34 -14.60
CA ARG A 287 -27.33 -13.11 -13.92
C ARG A 287 -27.88 -12.09 -14.91
N ARG A 288 -28.83 -12.53 -15.73
CA ARG A 288 -29.47 -11.63 -16.68
C ARG A 288 -30.30 -10.56 -15.99
N ARG A 289 -30.66 -10.76 -14.72
CA ARG A 289 -31.38 -9.76 -13.96
C ARG A 289 -30.55 -8.51 -13.69
N SER A 290 -29.23 -8.59 -13.89
CA SER A 290 -28.38 -7.41 -13.74
C SER A 290 -28.77 -6.32 -14.72
N GLU A 291 -29.31 -6.70 -15.89
CA GLU A 291 -29.77 -5.72 -16.85
C GLU A 291 -30.85 -4.83 -16.24
N ARG A 292 -31.89 -5.44 -15.66
CA ARG A 292 -32.94 -4.65 -15.02
C ARG A 292 -32.45 -3.97 -13.77
N LYS A 293 -31.54 -4.61 -13.02
CA LYS A 293 -31.01 -4.01 -11.80
C LYS A 293 -30.27 -2.71 -12.11
N VAL A 294 -29.51 -2.68 -13.20
CA VAL A 294 -28.81 -1.46 -13.59
C VAL A 294 -29.70 -0.52 -14.38
N THR A 295 -30.76 -1.01 -15.02
CA THR A 295 -31.73 -0.13 -15.65
C THR A 295 -32.45 0.71 -14.61
N ARG A 296 -32.82 0.10 -13.48
CA ARG A 296 -33.46 0.80 -12.38
C ARG A 296 -32.56 1.87 -11.76
N MET A 297 -31.33 2.02 -12.23
CA MET A 297 -30.44 3.10 -11.83
C MET A 297 -30.03 4.00 -12.98
N VAL A 298 -30.04 3.50 -14.21
CA VAL A 298 -29.60 4.29 -15.35
C VAL A 298 -30.76 5.06 -15.98
N LEU A 299 -32.00 4.60 -15.82
CA LEU A 299 -33.13 5.34 -16.36
C LEU A 299 -33.67 6.36 -15.38
N VAL A 300 -33.63 6.04 -14.08
CA VAL A 300 -34.25 6.91 -13.08
C VAL A 300 -33.51 8.22 -12.94
N VAL A 301 -32.17 8.19 -13.03
CA VAL A 301 -31.40 9.42 -12.88
C VAL A 301 -31.70 10.39 -14.02
N VAL A 302 -31.67 9.89 -15.25
CA VAL A 302 -31.98 10.73 -16.40
C VAL A 302 -33.41 11.22 -16.35
N LEU A 303 -34.35 10.34 -15.97
CA LEU A 303 -35.75 10.75 -15.87
C LEU A 303 -35.94 11.83 -14.82
N VAL A 304 -35.27 11.71 -13.67
CA VAL A 304 -35.38 12.73 -12.63
C VAL A 304 -34.81 14.05 -13.13
N PHE A 305 -33.63 14.00 -13.76
CA PHE A 305 -33.00 15.22 -14.25
C PHE A 305 -33.83 15.91 -15.32
N ALA A 306 -34.53 15.13 -16.14
CA ALA A 306 -35.36 15.69 -17.20
C ALA A 306 -36.81 15.94 -16.76
N GLY A 307 -37.19 15.53 -15.56
CA GLY A 307 -38.56 15.76 -15.13
C GLY A 307 -38.69 16.84 -14.07
N CYS A 308 -37.74 16.90 -13.14
CA CYS A 308 -37.81 17.88 -12.08
C CYS A 308 -37.10 19.18 -12.42
N TRP A 309 -36.17 19.15 -13.37
CA TRP A 309 -35.34 20.31 -13.67
C TRP A 309 -35.74 21.04 -14.95
N LEU A 310 -36.23 20.33 -15.96
CA LEU A 310 -36.65 20.99 -17.19
C LEU A 310 -37.78 22.00 -17.02
N PRO A 311 -38.83 21.76 -16.21
CA PRO A 311 -39.95 22.72 -16.18
C PRO A 311 -39.54 24.14 -15.87
N PHE A 312 -38.52 24.35 -15.03
CA PHE A 312 -38.08 25.71 -14.74
C PHE A 312 -37.62 26.42 -16.01
N PHE A 313 -36.71 25.79 -16.77
CA PHE A 313 -36.20 26.43 -17.97
C PHE A 313 -37.26 26.54 -19.05
N THR A 314 -38.13 25.54 -19.18
CA THR A 314 -39.19 25.62 -20.18
C THR A 314 -40.19 26.74 -19.88
N VAL A 315 -40.52 27.02 -18.63
CA VAL A 315 -41.54 28.07 -18.38
C VAL A 315 -40.97 29.47 -18.59
N ASN A 316 -39.71 29.67 -18.19
CA ASN A 316 -39.11 30.99 -18.28
C ASN A 316 -38.79 31.34 -19.70
N ILE A 317 -38.44 30.33 -20.49
CA ILE A 317 -38.22 30.60 -21.89
C ILE A 317 -39.59 30.96 -22.46
N VAL A 318 -40.65 30.46 -21.83
CA VAL A 318 -41.99 30.85 -22.25
C VAL A 318 -42.17 32.24 -21.72
N ASN A 319 -41.81 32.47 -20.46
CA ASN A 319 -41.83 33.83 -19.93
C ASN A 319 -41.13 34.79 -20.88
N LEU A 320 -40.00 34.36 -21.44
CA LEU A 320 -39.34 35.15 -22.49
C LEU A 320 -40.29 35.39 -23.65
N ALA A 321 -41.01 34.34 -24.07
CA ALA A 321 -42.01 34.50 -25.11
C ALA A 321 -43.15 35.41 -24.66
N VAL A 322 -43.91 34.97 -23.65
CA VAL A 322 -45.05 35.75 -23.15
C VAL A 322 -45.10 35.64 -21.63
N ALA A 323 -45.00 36.79 -20.95
CA ALA A 323 -45.19 36.82 -19.51
C ALA A 323 -46.69 36.85 -19.19
N LEU A 324 -47.24 35.69 -18.83
CA LEU A 324 -48.68 35.55 -18.62
C LEU A 324 -49.13 36.34 -17.39
N PRO A 325 -50.38 36.79 -17.37
CA PRO A 325 -50.88 37.49 -16.18
C PRO A 325 -50.92 36.58 -14.97
N GLN A 326 -50.82 37.18 -13.79
CA GLN A 326 -50.66 36.44 -12.55
C GLN A 326 -51.96 36.42 -11.76
N GLU A 327 -52.00 35.52 -10.78
CA GLU A 327 -53.13 35.21 -9.92
C GLU A 327 -52.54 34.34 -8.81
N PRO A 328 -53.32 33.89 -7.81
CA PRO A 328 -52.80 32.84 -6.94
C PRO A 328 -52.44 31.57 -7.68
N ALA A 329 -53.07 31.32 -8.83
CA ALA A 329 -52.65 30.22 -9.69
C ALA A 329 -51.20 30.40 -10.13
N SER A 330 -50.85 31.57 -10.67
CA SER A 330 -49.48 31.83 -11.06
C SER A 330 -48.51 31.83 -9.89
N ALA A 331 -48.79 32.59 -8.83
CA ALA A 331 -47.88 32.66 -7.69
C ALA A 331 -47.74 31.32 -6.98
N GLY A 332 -48.69 30.41 -7.17
CA GLY A 332 -48.62 29.11 -6.53
C GLY A 332 -47.99 28.03 -7.39
N LEU A 333 -48.26 28.04 -8.69
CA LEU A 333 -47.76 26.98 -9.56
C LEU A 333 -46.39 27.33 -10.16
N TYR A 334 -46.13 28.61 -10.44
CA TYR A 334 -44.76 28.98 -10.73
C TYR A 334 -43.86 28.80 -9.54
N PHE A 335 -44.41 28.84 -8.32
CA PHE A 335 -43.65 28.44 -7.14
C PHE A 335 -43.44 26.93 -7.09
N PHE A 336 -44.43 26.15 -7.52
CA PHE A 336 -44.26 24.71 -7.60
C PHE A 336 -43.24 24.29 -8.65
N VAL A 337 -43.13 25.05 -9.75
CA VAL A 337 -42.14 24.74 -10.77
C VAL A 337 -40.72 24.91 -10.22
N VAL A 338 -40.45 26.04 -9.56
CA VAL A 338 -39.14 26.24 -8.96
C VAL A 338 -38.94 25.28 -7.79
N ILE A 339 -40.02 24.88 -7.11
CA ILE A 339 -39.90 23.86 -6.08
C ILE A 339 -39.46 22.52 -6.65
N LEU A 340 -40.01 22.12 -7.81
CA LEU A 340 -39.55 20.90 -8.46
C LEU A 340 -38.10 21.03 -8.92
N SER A 341 -37.73 22.20 -9.46
CA SER A 341 -36.35 22.43 -9.85
C SER A 341 -35.40 22.34 -8.65
N TYR A 342 -35.86 22.75 -7.48
CA TYR A 342 -35.06 22.66 -6.26
C TYR A 342 -35.04 21.25 -5.70
N ALA A 343 -36.15 20.52 -5.83
CA ALA A 343 -36.26 19.16 -5.32
C ALA A 343 -35.58 18.13 -6.20
N ASN A 344 -35.24 18.48 -7.44
CA ASN A 344 -34.30 17.65 -8.19
C ASN A 344 -33.00 17.51 -7.42
N SER A 345 -32.55 18.59 -6.78
CA SER A 345 -31.37 18.60 -5.94
C SER A 345 -31.56 17.85 -4.64
N CYS A 346 -32.80 17.50 -4.28
CA CYS A 346 -33.06 16.60 -3.16
C CYS A 346 -33.13 15.15 -3.61
N ALA A 347 -33.63 14.92 -4.83
CA ALA A 347 -33.70 13.57 -5.38
C ALA A 347 -32.32 13.03 -5.72
N ASN A 348 -31.43 13.89 -6.21
CA ASN A 348 -30.10 13.43 -6.64
C ASN A 348 -29.30 12.76 -5.52
N PRO A 349 -29.13 13.36 -4.33
CA PRO A 349 -28.25 12.74 -3.33
C PRO A 349 -28.77 11.42 -2.80
N VAL A 350 -30.06 11.35 -2.47
CA VAL A 350 -30.64 10.11 -1.98
C VAL A 350 -30.55 9.02 -3.05
N LEU A 351 -30.85 9.39 -4.29
CA LEU A 351 -30.77 8.42 -5.39
C LEU A 351 -29.36 7.87 -5.52
N TYR A 352 -28.35 8.75 -5.51
CA TYR A 352 -26.97 8.31 -5.70
C TYR A 352 -26.50 7.49 -4.50
N GLY A 353 -26.91 7.86 -3.29
CA GLY A 353 -26.46 7.15 -2.10
C GLY A 353 -27.19 5.86 -1.81
N PHE A 354 -28.37 5.66 -2.40
CA PHE A 354 -29.12 4.43 -2.20
C PHE A 354 -29.00 3.45 -3.35
N LEU A 355 -28.89 3.94 -4.58
CA LEU A 355 -28.85 3.03 -5.73
C LEU A 355 -27.51 2.28 -5.79
N SER A 356 -26.41 2.96 -5.50
CA SER A 356 -25.10 2.33 -5.60
C SER A 356 -24.94 1.27 -4.51
N ASP A 357 -24.46 0.08 -4.92
CA ASP A 357 -24.26 -1.00 -3.97
C ASP A 357 -23.11 -0.70 -3.01
N ASN A 358 -22.04 -0.07 -3.50
CA ASN A 358 -20.98 0.36 -2.60
C ASN A 358 -21.50 1.37 -1.58
N PHE A 359 -22.30 2.33 -2.05
CA PHE A 359 -22.94 3.25 -1.13
C PHE A 359 -23.91 2.53 -0.20
N ARG A 360 -24.60 1.50 -0.71
CA ARG A 360 -25.43 0.69 0.16
C ARG A 360 -24.61 0.03 1.25
N GLN A 361 -23.45 -0.53 0.89
CA GLN A 361 -22.53 -1.03 1.91
C GLN A 361 -21.94 0.10 2.73
N SER A 362 -21.66 1.24 2.09
CA SER A 362 -21.17 2.40 2.82
C SER A 362 -22.23 2.93 3.78
N PHE A 363 -23.48 2.97 3.33
CA PHE A 363 -24.57 3.38 4.23
C PHE A 363 -24.73 2.39 5.37
N GLN A 364 -24.58 1.09 5.09
CA GLN A 364 -24.64 0.06 6.12
C GLN A 364 -23.32 -0.09 6.86
N LYS A 365 -22.41 0.86 6.73
CA LYS A 365 -21.13 0.80 7.43
C LYS A 365 -21.11 1.76 8.62
N SER B 6 18.16 20.69 6.07
CA SER B 6 16.78 20.63 5.60
C SER B 6 16.70 20.53 4.09
N ALA B 7 17.76 20.98 3.40
CA ALA B 7 17.83 20.80 1.95
C ALA B 7 17.93 19.33 1.61
N GLU B 8 18.67 18.56 2.39
CA GLU B 8 18.72 17.11 2.21
C GLU B 8 17.35 16.49 2.42
N ASP B 9 16.60 16.99 3.41
CA ASP B 9 15.24 16.50 3.63
C ASP B 9 14.34 16.84 2.45
N LYS B 10 14.50 18.03 1.88
CA LYS B 10 13.73 18.39 0.70
C LYS B 10 14.04 17.46 -0.47
N ALA B 11 15.32 17.14 -0.66
CA ALA B 11 15.70 16.22 -1.72
C ALA B 11 15.16 14.81 -1.46
N ALA B 12 15.16 14.39 -0.19
CA ALA B 12 14.59 13.09 0.16
C ALA B 12 13.10 13.05 -0.13
N VAL B 13 12.40 14.13 0.20
CA VAL B 13 10.96 14.20 -0.04
C VAL B 13 10.69 14.15 -1.53
N GLU B 14 11.55 14.82 -2.32
CA GLU B 14 11.40 14.81 -3.77
C GLU B 14 11.62 13.40 -4.32
N ARG B 15 12.59 12.69 -3.76
CA ARG B 15 12.86 11.33 -4.19
C ARG B 15 11.69 10.43 -3.84
N SER B 16 11.03 10.70 -2.71
CA SER B 16 9.88 9.90 -2.29
C SER B 16 8.70 10.21 -3.20
N LYS B 17 8.52 11.47 -3.57
CA LYS B 17 7.45 11.80 -4.52
C LYS B 17 7.70 11.14 -5.87
N MET B 18 8.97 11.04 -6.30
CA MET B 18 9.28 10.30 -7.51
C MET B 18 8.92 8.83 -7.37
N ILE B 19 9.20 8.26 -6.20
CA ILE B 19 8.87 6.85 -5.95
C ILE B 19 7.36 6.66 -5.91
N ASP B 20 6.63 7.65 -5.38
CA ASP B 20 5.17 7.62 -5.44
C ASP B 20 4.68 7.64 -6.88
N ARG B 21 5.29 8.48 -7.72
CA ARG B 21 4.90 8.52 -9.12
C ARG B 21 5.15 7.19 -9.81
N ASN B 22 6.27 6.53 -9.49
CA ASN B 22 6.54 5.21 -10.07
C ASN B 22 5.61 4.14 -9.50
N LEU B 23 5.30 4.23 -8.20
CA LEU B 23 4.41 3.27 -7.56
C LEU B 23 3.02 3.32 -8.14
N ARG B 24 2.50 4.53 -8.38
CA ARG B 24 1.17 4.64 -8.99
C ARG B 24 1.17 4.08 -10.41
N GLU B 25 2.24 4.34 -11.17
CA GLU B 25 2.33 3.81 -12.53
C GLU B 25 2.43 2.29 -12.54
N ASP B 26 3.04 1.70 -11.51
CA ASP B 26 3.05 0.25 -11.40
C ASP B 26 1.70 -0.28 -10.93
N GLY B 27 1.05 0.42 -10.01
CA GLY B 27 -0.18 -0.06 -9.42
C GLY B 27 -1.38 0.03 -10.35
N GLU B 28 -1.35 0.99 -11.28
CA GLU B 28 -2.42 1.01 -12.28
C GLU B 28 -2.37 -0.25 -13.14
N LYS B 29 -1.17 -0.66 -13.56
CA LYS B 29 -1.03 -1.92 -14.28
C LYS B 29 -1.40 -3.11 -13.39
N ALA B 30 -1.02 -3.06 -12.11
CA ALA B 30 -1.35 -4.15 -11.20
C ALA B 30 -2.87 -4.32 -11.07
N ALA B 31 -3.60 -3.22 -10.95
CA ALA B 31 -5.06 -3.28 -10.91
C ALA B 31 -5.65 -3.66 -12.27
N ARG B 32 -4.95 -3.34 -13.36
CA ARG B 32 -5.39 -3.76 -14.68
C ARG B 32 -5.20 -5.25 -14.92
N GLU B 33 -4.26 -5.89 -14.22
CA GLU B 33 -3.97 -7.30 -14.43
C GLU B 33 -5.00 -8.19 -13.76
N VAL B 34 -5.40 -9.26 -14.47
CA VAL B 34 -6.34 -10.25 -13.96
C VAL B 34 -5.59 -11.26 -13.11
N LYS B 35 -6.32 -12.07 -12.35
CA LYS B 35 -5.77 -13.04 -11.41
C LYS B 35 -6.46 -14.40 -11.55
N LEU B 36 -6.55 -14.90 -12.78
CA LEU B 36 -7.25 -16.15 -13.06
C LEU B 36 -6.61 -17.33 -12.34
N LEU B 37 -7.31 -17.90 -11.35
CA LEU B 37 -6.75 -18.96 -10.53
C LEU B 37 -7.28 -20.33 -10.94
N LEU B 38 -6.37 -21.27 -11.20
CA LEU B 38 -6.77 -22.65 -11.43
C LEU B 38 -6.96 -23.37 -10.11
N LEU B 39 -7.78 -24.42 -10.15
CA LEU B 39 -8.04 -25.24 -8.99
C LEU B 39 -8.57 -26.59 -9.47
N GLY B 40 -8.50 -27.57 -8.58
CA GLY B 40 -8.93 -28.92 -8.91
C GLY B 40 -8.07 -29.93 -8.18
N ALA B 41 -8.04 -31.14 -8.73
CA ALA B 41 -7.27 -32.23 -8.18
C ALA B 41 -6.08 -32.53 -9.08
N GLY B 42 -5.24 -33.48 -8.63
CA GLY B 42 -4.10 -33.88 -9.43
C GLY B 42 -4.51 -34.56 -10.73
N GLU B 43 -5.63 -35.27 -10.70
CA GLU B 43 -6.13 -35.99 -11.87
C GLU B 43 -7.05 -35.13 -12.74
N SER B 44 -7.20 -33.85 -12.42
CA SER B 44 -8.06 -32.98 -13.21
C SER B 44 -7.57 -32.85 -14.65
N GLY B 45 -6.26 -32.70 -14.83
CA GLY B 45 -5.69 -32.58 -16.16
C GLY B 45 -5.69 -31.17 -16.68
N LYS B 46 -5.31 -30.21 -15.84
CA LYS B 46 -5.24 -28.81 -16.25
C LYS B 46 -4.07 -28.51 -17.16
N SER B 47 -3.21 -29.48 -17.35
CA SER B 47 -2.07 -29.28 -18.18
C SER B 47 -2.58 -29.06 -19.57
N THR B 48 -3.71 -29.65 -19.86
CA THR B 48 -4.18 -29.56 -21.22
C THR B 48 -4.59 -28.14 -21.49
N ILE B 49 -5.18 -27.52 -20.49
CA ILE B 49 -5.68 -26.16 -20.61
C ILE B 49 -4.56 -25.20 -20.93
N VAL B 50 -3.41 -25.35 -20.25
CA VAL B 50 -2.27 -24.47 -20.48
C VAL B 50 -1.42 -24.93 -21.66
N LYS B 51 -1.76 -26.06 -22.29
CA LYS B 51 -0.96 -26.53 -23.42
C LYS B 51 -1.03 -25.56 -24.59
N GLN B 52 -2.21 -25.02 -24.86
CA GLN B 52 -2.38 -24.06 -25.93
C GLN B 52 -2.14 -22.63 -25.44
N THR B 182 8.53 -24.84 -7.89
CA THR B 182 7.94 -25.53 -6.75
C THR B 182 6.99 -24.61 -5.98
N GLY B 183 6.05 -24.04 -6.73
CA GLY B 183 5.05 -23.11 -6.24
C GLY B 183 4.02 -22.90 -7.33
N ILE B 184 3.61 -21.66 -7.59
CA ILE B 184 2.84 -21.42 -8.79
C ILE B 184 3.77 -21.34 -9.98
N VAL B 185 3.33 -21.88 -11.10
CA VAL B 185 3.92 -21.60 -12.39
C VAL B 185 3.08 -20.48 -12.98
N GLU B 186 3.39 -19.23 -12.60
CA GLU B 186 2.56 -18.09 -12.94
C GLU B 186 2.68 -17.83 -14.43
N THR B 187 1.79 -18.42 -15.21
CA THR B 187 1.84 -18.35 -16.67
C THR B 187 1.25 -17.01 -17.11
N HIS B 188 2.14 -16.04 -17.33
CA HIS B 188 1.72 -14.73 -17.83
C HIS B 188 1.66 -14.78 -19.35
N PHE B 189 0.46 -14.60 -19.90
CA PHE B 189 0.29 -14.55 -21.35
C PHE B 189 -0.60 -13.36 -21.71
N THR B 190 -0.84 -13.19 -23.00
CA THR B 190 -1.68 -12.12 -23.51
C THR B 190 -2.46 -12.66 -24.70
N PHE B 191 -3.79 -12.52 -24.65
CA PHE B 191 -4.66 -13.05 -25.69
C PHE B 191 -5.29 -11.95 -26.54
N LYS B 192 -5.81 -10.90 -25.92
CA LYS B 192 -6.50 -9.82 -26.61
C LYS B 192 -6.00 -8.47 -26.11
N ASP B 193 -4.67 -8.31 -26.06
CA ASP B 193 -3.98 -7.13 -25.57
C ASP B 193 -4.21 -6.90 -24.08
N LEU B 194 -4.77 -7.89 -23.37
CA LEU B 194 -4.94 -7.84 -21.93
C LEU B 194 -4.19 -9.03 -21.34
N HIS B 195 -3.11 -8.76 -20.62
CA HIS B 195 -2.30 -9.82 -20.08
C HIS B 195 -3.06 -10.57 -18.99
N PHE B 196 -3.05 -11.90 -19.08
CA PHE B 196 -3.72 -12.76 -18.11
C PHE B 196 -2.68 -13.54 -17.34
N LYS B 197 -2.78 -13.50 -16.01
CA LYS B 197 -1.86 -14.23 -15.13
C LYS B 197 -2.57 -15.47 -14.63
N MET B 198 -2.42 -16.56 -15.39
CA MET B 198 -3.00 -17.82 -14.95
C MET B 198 -2.12 -18.41 -13.87
N PHE B 199 -2.71 -19.24 -13.01
CA PHE B 199 -1.96 -19.80 -11.89
C PHE B 199 -1.99 -21.32 -11.98
N ASP B 200 -0.89 -21.93 -12.39
CA ASP B 200 -0.83 -23.39 -12.38
C ASP B 200 -0.39 -23.75 -10.95
N VAL B 201 -1.29 -23.53 -10.01
CA VAL B 201 -1.02 -23.78 -8.61
C VAL B 201 -1.48 -25.20 -8.24
N GLY B 202 -1.86 -26.01 -9.23
CA GLY B 202 -2.30 -27.36 -8.94
C GLY B 202 -1.22 -28.26 -8.38
N ALA B 203 0.05 -27.87 -8.50
CA ALA B 203 1.16 -28.62 -7.96
C ALA B 203 1.52 -28.19 -6.54
N GLN B 204 0.67 -27.39 -5.90
CA GLN B 204 0.97 -26.95 -4.53
C GLN B 204 1.04 -28.14 -3.57
N ARG B 205 0.10 -29.07 -3.70
CA ARG B 205 0.07 -30.27 -2.85
C ARG B 205 0.05 -29.92 -1.37
N SER B 206 -0.71 -28.89 -1.02
CA SER B 206 -0.82 -28.41 0.36
C SER B 206 -2.30 -28.25 0.71
N GLU B 207 -2.56 -27.82 1.94
CA GLU B 207 -3.92 -27.59 2.40
C GLU B 207 -4.39 -26.23 1.87
N ARG B 208 -5.26 -26.27 0.85
CA ARG B 208 -5.72 -25.04 0.22
C ARG B 208 -6.48 -24.13 1.18
N LYS B 209 -7.01 -24.69 2.27
CA LYS B 209 -7.75 -23.87 3.22
C LYS B 209 -6.87 -22.80 3.87
N LYS B 210 -5.56 -23.02 3.93
CA LYS B 210 -4.65 -22.09 4.60
C LYS B 210 -3.98 -21.09 3.67
N TRP B 211 -4.14 -21.22 2.35
CA TRP B 211 -3.53 -20.28 1.42
C TRP B 211 -4.47 -19.84 0.31
N ILE B 212 -5.74 -20.23 0.35
CA ILE B 212 -6.67 -19.78 -0.69
C ILE B 212 -7.17 -18.38 -0.43
N HIS B 213 -7.01 -17.85 0.79
CA HIS B 213 -7.38 -16.47 1.07
C HIS B 213 -6.47 -15.47 0.37
N CYS B 214 -5.35 -15.92 -0.19
CA CYS B 214 -4.49 -15.05 -0.99
C CYS B 214 -5.09 -14.73 -2.34
N PHE B 215 -6.17 -15.40 -2.73
CA PHE B 215 -6.81 -15.18 -4.02
C PHE B 215 -8.20 -14.59 -3.86
N GLU B 216 -8.42 -13.83 -2.79
CA GLU B 216 -9.73 -13.23 -2.57
C GLU B 216 -10.08 -12.26 -3.70
N GLY B 217 -9.14 -11.40 -4.09
CA GLY B 217 -9.38 -10.51 -5.20
C GLY B 217 -8.86 -11.08 -6.50
N VAL B 218 -9.74 -11.71 -7.25
CA VAL B 218 -9.43 -12.22 -8.58
C VAL B 218 -10.59 -11.90 -9.50
N THR B 219 -10.31 -11.87 -10.80
CA THR B 219 -11.38 -11.68 -11.77
C THR B 219 -12.25 -12.93 -11.87
N ALA B 220 -11.62 -14.10 -11.92
CA ALA B 220 -12.33 -15.36 -12.07
C ALA B 220 -11.48 -16.49 -11.51
N ILE B 221 -12.10 -17.65 -11.37
CA ILE B 221 -11.43 -18.87 -10.94
C ILE B 221 -11.80 -19.98 -11.92
N ILE B 222 -10.79 -20.57 -12.55
CA ILE B 222 -11.00 -21.65 -13.51
C ILE B 222 -10.95 -22.98 -12.78
N PHE B 223 -11.97 -23.80 -12.96
CA PHE B 223 -12.05 -25.12 -12.33
C PHE B 223 -12.26 -26.15 -13.43
N CYS B 224 -11.25 -26.99 -13.65
CA CYS B 224 -11.37 -28.09 -14.59
C CYS B 224 -12.04 -29.27 -13.90
N VAL B 225 -13.25 -29.61 -14.35
CA VAL B 225 -14.03 -30.64 -13.67
C VAL B 225 -13.40 -32.01 -13.89
N ALA B 226 -13.63 -32.89 -12.92
CA ALA B 226 -13.21 -34.28 -13.03
C ALA B 226 -14.30 -35.12 -13.71
N LEU B 227 -14.38 -34.96 -15.03
CA LEU B 227 -15.37 -35.68 -15.82
C LEU B 227 -15.06 -37.17 -15.95
N SER B 228 -14.02 -37.66 -15.27
CA SER B 228 -13.64 -39.07 -15.29
C SER B 228 -14.60 -39.95 -14.51
N ASP B 229 -15.67 -39.40 -13.93
CA ASP B 229 -16.62 -40.20 -13.17
C ASP B 229 -17.48 -41.11 -14.04
N TYR B 230 -17.42 -40.92 -15.36
CA TYR B 230 -18.23 -41.71 -16.27
C TYR B 230 -17.89 -43.19 -16.07
N ASP B 231 -16.64 -43.54 -16.29
CA ASP B 231 -16.21 -44.93 -16.10
C ASP B 231 -15.00 -45.18 -15.18
N LEU B 232 -14.24 -44.14 -14.85
CA LEU B 232 -13.04 -44.33 -14.04
C LEU B 232 -13.37 -44.00 -12.58
N VAL B 233 -12.96 -44.89 -11.68
CA VAL B 233 -13.18 -44.73 -10.25
C VAL B 233 -11.82 -44.72 -9.56
N LEU B 234 -11.64 -43.73 -8.70
CA LEU B 234 -10.37 -43.59 -8.04
C LEU B 234 -9.31 -43.52 -9.11
N ASN B 241 -13.64 -44.31 -6.09
CA ASN B 241 -14.26 -43.00 -6.03
C ASN B 241 -14.38 -42.38 -7.42
N ARG B 242 -15.61 -42.16 -7.87
CA ARG B 242 -15.86 -41.59 -9.20
C ARG B 242 -16.10 -40.09 -9.09
N MET B 243 -15.02 -39.37 -8.81
CA MET B 243 -14.96 -37.91 -8.90
C MET B 243 -16.05 -37.24 -8.05
N HIS B 244 -16.26 -37.76 -6.85
CA HIS B 244 -17.09 -37.08 -5.87
C HIS B 244 -16.29 -36.05 -5.07
N GLU B 245 -14.95 -36.16 -5.06
CA GLU B 245 -14.14 -35.09 -4.51
C GLU B 245 -14.33 -33.78 -5.28
N SER B 246 -14.71 -33.86 -6.55
CA SER B 246 -15.04 -32.66 -7.31
C SER B 246 -16.16 -31.89 -6.63
N MET B 247 -17.27 -32.57 -6.31
CA MET B 247 -18.36 -31.92 -5.60
C MET B 247 -17.93 -31.52 -4.19
N LYS B 248 -17.15 -32.38 -3.53
CA LYS B 248 -16.72 -32.11 -2.16
C LYS B 248 -15.92 -30.82 -2.07
N LEU B 249 -15.14 -30.52 -3.11
CA LEU B 249 -14.34 -29.30 -3.15
C LEU B 249 -15.12 -28.11 -3.71
N PHE B 250 -16.02 -28.37 -4.67
CA PHE B 250 -16.81 -27.30 -5.25
C PHE B 250 -17.77 -26.70 -4.23
N ASP B 251 -18.36 -27.54 -3.38
CA ASP B 251 -19.21 -27.01 -2.32
C ASP B 251 -18.42 -26.13 -1.36
N SER B 252 -17.21 -26.55 -1.00
CA SER B 252 -16.37 -25.73 -0.14
C SER B 252 -16.00 -24.41 -0.81
N ILE B 253 -15.71 -24.45 -2.11
CA ILE B 253 -15.37 -23.23 -2.84
C ILE B 253 -16.57 -22.28 -2.85
N CYS B 254 -17.75 -22.80 -3.17
CA CYS B 254 -18.94 -21.96 -3.25
C CYS B 254 -19.28 -21.37 -1.90
N ASN B 255 -19.20 -22.17 -0.84
CA ASN B 255 -19.53 -21.71 0.50
C ASN B 255 -18.36 -21.06 1.22
N ASN B 256 -17.21 -20.96 0.56
CA ASN B 256 -16.08 -20.27 1.17
C ASN B 256 -16.40 -18.79 1.36
N LYS B 257 -15.93 -18.23 2.47
CA LYS B 257 -16.23 -16.84 2.78
C LYS B 257 -15.53 -15.86 1.84
N TRP B 258 -14.57 -16.33 1.04
CA TRP B 258 -13.81 -15.46 0.15
C TRP B 258 -14.21 -15.58 -1.31
N PHE B 259 -15.05 -16.54 -1.67
CA PHE B 259 -15.44 -16.76 -3.06
C PHE B 259 -16.92 -16.52 -3.26
N THR B 260 -17.46 -15.50 -2.59
CA THR B 260 -18.86 -15.13 -2.80
C THR B 260 -19.05 -14.45 -4.16
N ASP B 261 -18.17 -13.51 -4.49
CA ASP B 261 -18.28 -12.77 -5.74
C ASP B 261 -17.39 -13.33 -6.84
N THR B 262 -16.39 -14.13 -6.49
CA THR B 262 -15.47 -14.68 -7.48
C THR B 262 -16.21 -15.63 -8.41
N SER B 263 -16.46 -15.19 -9.64
CA SER B 263 -17.26 -15.96 -10.60
C SER B 263 -16.44 -17.14 -11.09
N ILE B 264 -16.63 -18.30 -10.44
CA ILE B 264 -15.84 -19.48 -10.77
C ILE B 264 -16.28 -20.03 -12.12
N ILE B 265 -15.32 -20.35 -12.96
CA ILE B 265 -15.59 -20.95 -14.26
C ILE B 265 -15.43 -22.46 -14.14
N LEU B 266 -16.35 -23.19 -14.74
CA LEU B 266 -16.36 -24.65 -14.70
C LEU B 266 -15.98 -25.18 -16.08
N PHE B 267 -14.91 -25.98 -16.13
CA PHE B 267 -14.41 -26.55 -17.36
C PHE B 267 -14.52 -28.06 -17.29
N LEU B 268 -15.16 -28.66 -18.30
CA LEU B 268 -15.34 -30.11 -18.35
C LEU B 268 -14.05 -30.72 -18.87
N ASN B 269 -13.07 -30.87 -17.97
CA ASN B 269 -11.77 -31.43 -18.36
C ASN B 269 -11.91 -32.89 -18.76
N LYS B 270 -11.05 -33.30 -19.70
CA LYS B 270 -11.08 -34.65 -20.26
C LYS B 270 -12.45 -34.95 -20.87
N LYS B 271 -13.02 -33.95 -21.54
CA LYS B 271 -14.35 -34.12 -22.14
C LYS B 271 -14.34 -35.16 -23.25
N ASP B 272 -13.28 -35.18 -24.07
CA ASP B 272 -13.21 -36.12 -25.18
C ASP B 272 -13.17 -37.56 -24.67
N LEU B 273 -12.38 -37.82 -23.64
CA LEU B 273 -12.34 -39.17 -23.07
C LEU B 273 -13.61 -39.50 -22.30
N PHE B 274 -14.18 -38.51 -21.61
CA PHE B 274 -15.40 -38.74 -20.84
C PHE B 274 -16.59 -39.05 -21.74
N GLU B 275 -16.65 -38.46 -22.94
CA GLU B 275 -17.72 -38.80 -23.87
C GLU B 275 -17.66 -40.26 -24.28
N GLU B 276 -16.48 -40.77 -24.64
CA GLU B 276 -16.35 -42.20 -24.95
C GLU B 276 -16.64 -43.06 -23.73
N LYS B 277 -16.19 -42.64 -22.54
CA LYS B 277 -16.45 -43.40 -21.33
C LYS B 277 -17.95 -43.52 -21.06
N ILE B 278 -18.70 -42.42 -21.22
CA ILE B 278 -20.14 -42.45 -21.00
C ILE B 278 -20.87 -43.14 -22.14
N LYS B 279 -20.29 -43.18 -23.34
CA LYS B 279 -20.91 -43.94 -24.42
C LYS B 279 -20.71 -45.44 -24.23
N LYS B 280 -19.61 -45.85 -23.59
CA LYS B 280 -19.32 -47.25 -23.37
C LYS B 280 -19.85 -47.78 -22.05
N SER B 281 -20.10 -46.93 -21.07
CA SER B 281 -20.59 -47.37 -19.76
C SER B 281 -21.60 -46.36 -19.26
N PRO B 282 -22.54 -46.79 -18.41
CA PRO B 282 -23.55 -45.86 -17.88
C PRO B 282 -22.96 -44.93 -16.82
N LEU B 283 -23.79 -43.99 -16.38
CA LEU B 283 -23.41 -43.01 -15.37
C LEU B 283 -23.85 -43.37 -13.96
N THR B 284 -24.81 -44.29 -13.82
CA THR B 284 -25.33 -44.65 -12.51
C THR B 284 -24.40 -45.57 -11.73
N ILE B 285 -23.16 -45.75 -12.18
CA ILE B 285 -22.19 -46.57 -11.46
C ILE B 285 -21.92 -45.95 -10.09
N CYS B 286 -21.75 -44.62 -10.07
CA CYS B 286 -21.59 -43.89 -8.82
C CYS B 286 -22.61 -42.78 -8.64
N TYR B 287 -23.59 -42.67 -9.54
CA TYR B 287 -24.67 -41.69 -9.43
C TYR B 287 -26.01 -42.42 -9.57
N PRO B 288 -26.41 -43.18 -8.55
CA PRO B 288 -27.62 -44.02 -8.69
C PRO B 288 -28.89 -43.22 -8.98
N GLU B 289 -29.02 -42.01 -8.44
CA GLU B 289 -30.23 -41.21 -8.61
C GLU B 289 -30.28 -40.47 -9.93
N TYR B 290 -29.21 -40.49 -10.71
CA TYR B 290 -29.17 -39.76 -11.97
C TYR B 290 -29.86 -40.56 -13.08
N ALA B 291 -30.12 -39.87 -14.20
CA ALA B 291 -30.74 -40.48 -15.37
C ALA B 291 -29.72 -41.03 -16.35
N GLY B 292 -28.73 -40.22 -16.74
CA GLY B 292 -27.68 -40.67 -17.62
C GLY B 292 -28.04 -40.64 -19.10
N SER B 293 -28.86 -41.59 -19.53
CA SER B 293 -29.34 -41.73 -20.90
C SER B 293 -28.22 -42.00 -21.91
N ASN B 294 -26.97 -42.15 -21.43
CA ASN B 294 -25.83 -42.49 -22.27
C ASN B 294 -25.66 -41.51 -23.43
N THR B 295 -25.86 -40.23 -23.14
CA THR B 295 -25.69 -39.17 -24.13
C THR B 295 -24.80 -38.07 -23.58
N TYR B 296 -24.09 -37.39 -24.47
CA TYR B 296 -23.18 -36.32 -24.04
C TYR B 296 -23.94 -35.16 -23.42
N GLU B 297 -25.07 -34.77 -23.99
CA GLU B 297 -25.85 -33.66 -23.44
C GLU B 297 -26.39 -34.00 -22.05
N GLU B 298 -26.95 -35.19 -21.88
CA GLU B 298 -27.47 -35.58 -20.58
C GLU B 298 -26.36 -35.81 -19.56
N ALA B 299 -25.18 -36.24 -20.00
CA ALA B 299 -24.06 -36.36 -19.08
C ALA B 299 -23.72 -35.02 -18.44
N ALA B 300 -23.67 -33.96 -19.27
CA ALA B 300 -23.50 -32.62 -18.72
C ALA B 300 -24.68 -32.23 -17.86
N ALA B 301 -25.92 -32.41 -18.36
CA ALA B 301 -27.10 -31.96 -17.64
C ALA B 301 -27.27 -32.65 -16.30
N TYR B 302 -26.59 -33.79 -16.08
CA TYR B 302 -26.59 -34.46 -14.79
C TYR B 302 -25.37 -34.08 -13.96
N ILE B 303 -24.16 -34.30 -14.47
CA ILE B 303 -22.97 -34.08 -13.66
C ILE B 303 -22.81 -32.61 -13.32
N GLN B 304 -22.90 -31.73 -14.32
CA GLN B 304 -22.73 -30.31 -14.05
C GLN B 304 -23.83 -29.79 -13.13
N CYS B 305 -25.07 -30.23 -13.34
CA CYS B 305 -26.15 -29.80 -12.47
C CYS B 305 -25.97 -30.30 -11.05
N GLN B 306 -25.28 -31.42 -10.85
CA GLN B 306 -25.02 -31.90 -9.49
C GLN B 306 -24.23 -30.87 -8.69
N PHE B 307 -23.21 -30.27 -9.30
CA PHE B 307 -22.43 -29.24 -8.62
C PHE B 307 -23.12 -27.88 -8.66
N GLU B 308 -23.89 -27.59 -9.71
CA GLU B 308 -24.58 -26.32 -9.77
C GLU B 308 -25.76 -26.25 -8.81
N ASP B 309 -26.25 -27.40 -8.35
CA ASP B 309 -27.20 -27.40 -7.24
C ASP B 309 -26.51 -27.06 -5.93
N LEU B 310 -25.27 -27.55 -5.74
CA LEU B 310 -24.47 -27.12 -4.61
C LEU B 310 -24.15 -25.64 -4.69
N ASN B 311 -24.07 -25.10 -5.90
CA ASN B 311 -23.96 -23.66 -6.08
C ASN B 311 -25.17 -22.97 -5.46
N LYS B 312 -24.94 -22.19 -4.41
CA LYS B 312 -26.02 -21.55 -3.67
C LYS B 312 -26.17 -20.07 -4.00
N ARG B 313 -25.07 -19.35 -4.20
CA ARG B 313 -25.11 -17.91 -4.47
C ARG B 313 -25.33 -17.70 -5.97
N LYS B 314 -26.57 -17.95 -6.41
CA LYS B 314 -26.91 -17.77 -7.81
C LYS B 314 -27.05 -16.30 -8.20
N ASP B 315 -27.12 -15.39 -7.23
CA ASP B 315 -27.29 -13.97 -7.52
C ASP B 315 -25.96 -13.23 -7.59
N THR B 316 -25.00 -13.58 -6.72
CA THR B 316 -23.73 -12.87 -6.65
C THR B 316 -22.68 -13.48 -7.57
N LYS B 317 -22.45 -14.79 -7.45
CA LYS B 317 -21.44 -15.47 -8.25
C LYS B 317 -22.06 -16.00 -9.53
N GLU B 318 -21.57 -15.49 -10.67
CA GLU B 318 -22.06 -15.91 -11.99
C GLU B 318 -21.11 -16.96 -12.53
N ILE B 319 -21.48 -18.23 -12.35
CA ILE B 319 -20.67 -19.34 -12.83
C ILE B 319 -20.90 -19.54 -14.32
N TYR B 320 -19.81 -19.59 -15.08
CA TYR B 320 -19.89 -19.87 -16.50
C TYR B 320 -19.73 -21.38 -16.74
N THR B 321 -19.89 -21.79 -17.99
CA THR B 321 -19.75 -23.20 -18.34
C THR B 321 -19.33 -23.30 -19.80
N HIS B 322 -18.27 -24.06 -20.06
CA HIS B 322 -17.78 -24.27 -21.42
C HIS B 322 -17.17 -25.67 -21.47
N PHE B 323 -17.79 -26.56 -22.23
CA PHE B 323 -17.23 -27.89 -22.43
C PHE B 323 -15.85 -27.78 -23.04
N THR B 324 -14.87 -28.43 -22.43
CA THR B 324 -13.49 -28.28 -22.87
C THR B 324 -13.26 -28.99 -24.19
N CYS B 325 -13.42 -28.28 -25.29
CA CYS B 325 -13.19 -28.82 -26.62
C CYS B 325 -11.75 -28.54 -27.03
N SER B 326 -11.04 -29.58 -27.44
CA SER B 326 -9.63 -29.44 -27.80
C SER B 326 -9.49 -28.71 -29.12
N THR B 327 -9.57 -27.38 -29.08
CA THR B 327 -9.47 -26.54 -30.27
C THR B 327 -8.42 -25.47 -29.99
N ASP B 328 -8.18 -24.61 -30.98
CA ASP B 328 -7.16 -23.59 -30.87
C ASP B 328 -7.59 -22.29 -30.17
N THR B 329 -8.83 -21.87 -30.39
CA THR B 329 -9.31 -20.58 -29.91
C THR B 329 -10.39 -20.69 -28.83
N LYS B 330 -11.45 -21.45 -29.07
CA LYS B 330 -12.62 -21.53 -28.21
C LYS B 330 -12.33 -22.05 -26.81
N ASN B 331 -11.09 -22.44 -26.50
CA ASN B 331 -10.73 -22.85 -25.14
C ASN B 331 -10.26 -21.70 -24.28
N VAL B 332 -9.72 -20.64 -24.87
CA VAL B 332 -9.24 -19.50 -24.10
C VAL B 332 -9.96 -18.20 -24.46
N GLN B 333 -10.51 -18.06 -25.66
CA GLN B 333 -11.27 -16.86 -25.97
C GLN B 333 -12.57 -16.79 -25.16
N PHE B 334 -13.16 -17.94 -24.83
CA PHE B 334 -14.31 -17.95 -23.92
C PHE B 334 -13.89 -17.46 -22.53
N VAL B 335 -12.72 -17.87 -22.07
CA VAL B 335 -12.21 -17.37 -20.79
C VAL B 335 -12.01 -15.86 -20.86
N PHE B 336 -11.50 -15.37 -22.00
CA PHE B 336 -11.35 -13.94 -22.19
C PHE B 336 -12.69 -13.22 -22.12
N ASP B 337 -13.72 -13.78 -22.77
CA ASP B 337 -15.05 -13.18 -22.71
C ASP B 337 -15.58 -13.17 -21.29
N ALA B 338 -15.40 -14.27 -20.55
CA ALA B 338 -15.89 -14.35 -19.18
C ALA B 338 -15.19 -13.35 -18.28
N VAL B 339 -13.87 -13.20 -18.43
CA VAL B 339 -13.17 -12.25 -17.57
C VAL B 339 -13.55 -10.82 -17.94
N THR B 340 -13.81 -10.55 -19.23
CA THR B 340 -14.31 -9.23 -19.59
C THR B 340 -15.67 -8.97 -18.94
N ASP B 341 -16.55 -9.98 -18.93
CA ASP B 341 -17.87 -9.81 -18.32
C ASP B 341 -17.75 -9.54 -16.82
N VAL B 342 -16.90 -10.32 -16.13
CA VAL B 342 -16.77 -10.11 -14.69
C VAL B 342 -16.10 -8.78 -14.39
N ILE B 343 -15.16 -8.35 -15.23
CA ILE B 343 -14.53 -7.04 -15.06
C ILE B 343 -15.55 -5.94 -15.27
N ILE B 344 -16.46 -6.11 -16.24
CA ILE B 344 -17.52 -5.13 -16.46
C ILE B 344 -18.43 -5.03 -15.25
N LYS B 345 -18.81 -6.19 -14.70
CA LYS B 345 -19.67 -6.18 -13.51
C LYS B 345 -18.97 -5.50 -12.33
N ASN B 346 -17.68 -5.82 -12.13
CA ASN B 346 -16.94 -5.19 -11.04
C ASN B 346 -16.79 -3.69 -11.26
N ASN B 347 -16.58 -3.27 -12.51
CA ASN B 347 -16.48 -1.85 -12.81
C ASN B 347 -17.80 -1.13 -12.56
N LEU B 348 -18.93 -1.76 -12.93
CA LEU B 348 -20.23 -1.17 -12.62
C LEU B 348 -20.42 -1.03 -11.12
N LYS B 349 -20.05 -2.06 -10.36
CA LYS B 349 -20.16 -1.98 -8.91
C LYS B 349 -19.29 -0.85 -8.36
N ASP B 350 -18.05 -0.75 -8.85
CA ASP B 350 -17.14 0.26 -8.34
C ASP B 350 -17.62 1.67 -8.66
N CYS B 351 -18.11 1.89 -9.89
CA CYS B 351 -18.61 3.20 -10.27
C CYS B 351 -19.93 3.54 -9.63
N GLY B 352 -20.69 2.54 -9.18
CA GLY B 352 -21.91 2.79 -8.44
C GLY B 352 -23.19 2.69 -9.24
N LEU B 353 -23.12 2.21 -10.48
CA LEU B 353 -24.32 2.07 -11.30
C LEU B 353 -25.16 0.89 -10.83
N THR C 6 7.80 -49.67 12.46
CA THR C 6 8.99 -49.31 11.70
C THR C 6 9.51 -47.93 12.05
N ALA C 7 9.37 -46.99 11.12
CA ALA C 7 9.79 -45.61 11.39
C ALA C 7 9.13 -45.14 12.67
N SER C 8 7.96 -45.67 12.97
CA SER C 8 7.27 -45.31 14.19
C SER C 8 8.21 -45.41 15.38
N ILE C 9 9.00 -46.47 15.43
CA ILE C 9 9.95 -46.66 16.52
C ILE C 9 10.87 -45.45 16.61
N ALA C 10 11.54 -45.13 15.52
CA ALA C 10 12.42 -43.97 15.51
C ALA C 10 11.63 -42.75 15.95
N GLN C 11 10.44 -42.58 15.37
CA GLN C 11 9.59 -41.46 15.72
C GLN C 11 9.22 -41.52 17.18
N ALA C 12 9.05 -42.73 17.71
CA ALA C 12 8.76 -42.86 19.12
C ALA C 12 9.99 -42.40 19.86
N ARG C 13 11.16 -42.81 19.38
CA ARG C 13 12.39 -42.34 19.98
C ARG C 13 12.43 -40.84 19.85
N LYS C 14 11.95 -40.32 18.72
CA LYS C 14 11.92 -38.88 18.53
C LYS C 14 10.91 -38.30 19.49
N LEU C 15 9.78 -38.99 19.64
CA LEU C 15 8.79 -38.54 20.59
C LEU C 15 9.45 -38.45 21.95
N VAL C 16 10.09 -39.53 22.37
CA VAL C 16 10.80 -39.48 23.62
C VAL C 16 11.92 -38.45 23.57
N GLU C 17 12.55 -38.26 22.42
CA GLU C 17 13.67 -37.33 22.34
C GLU C 17 13.25 -36.03 22.99
N GLN C 18 12.03 -35.60 22.73
CA GLN C 18 11.53 -34.40 23.38
C GLN C 18 11.07 -34.66 24.81
N LEU C 19 10.15 -35.60 24.99
CA LEU C 19 9.64 -35.92 26.32
C LEU C 19 10.84 -36.19 27.21
N LYS C 20 11.80 -36.97 26.76
CA LYS C 20 12.91 -37.33 27.63
C LYS C 20 13.71 -36.16 28.17
N MET C 21 14.27 -35.35 27.29
CA MET C 21 15.10 -34.23 27.74
C MET C 21 14.19 -33.11 28.18
N GLU C 22 13.19 -32.79 27.38
CA GLU C 22 12.28 -31.69 27.70
C GLU C 22 11.72 -31.82 29.11
N ALA C 23 11.42 -33.03 29.54
CA ALA C 23 10.96 -33.23 30.91
C ALA C 23 12.16 -33.50 31.81
N ASN C 24 13.26 -34.02 31.27
CA ASN C 24 14.41 -34.33 32.09
C ASN C 24 14.91 -33.10 32.83
N ILE C 25 14.76 -31.93 32.21
CA ILE C 25 15.29 -30.70 32.81
C ILE C 25 14.34 -30.31 33.94
N ASP C 26 14.67 -29.26 34.67
CA ASP C 26 13.86 -28.84 35.81
C ASP C 26 12.37 -28.77 35.51
N ARG C 27 11.98 -28.36 34.31
CA ARG C 27 10.57 -28.19 34.01
C ARG C 27 10.01 -27.27 35.09
N ILE C 28 10.60 -26.10 35.23
CA ILE C 28 10.18 -25.16 36.26
C ILE C 28 8.70 -24.84 36.13
N LYS C 29 8.06 -24.49 37.25
CA LYS C 29 6.61 -24.23 37.22
C LYS C 29 6.20 -22.85 36.72
N VAL C 30 4.92 -22.71 36.38
CA VAL C 30 4.39 -21.44 35.90
C VAL C 30 4.67 -20.39 36.94
N SER C 31 4.95 -20.81 38.17
CA SER C 31 5.31 -19.87 39.21
C SER C 31 6.33 -18.88 38.69
N LYS C 32 7.37 -19.39 38.04
CA LYS C 32 8.40 -18.50 37.53
C LYS C 32 7.91 -17.82 36.26
N ALA C 33 7.14 -18.54 35.46
CA ALA C 33 6.63 -17.98 34.22
C ALA C 33 6.08 -16.58 34.45
N ALA C 34 5.31 -16.42 35.52
CA ALA C 34 4.71 -15.12 35.81
C ALA C 34 5.74 -14.09 36.24
N ALA C 35 6.79 -14.53 36.92
CA ALA C 35 7.76 -13.57 37.45
C ALA C 35 8.25 -12.52 36.45
N ASP C 36 8.75 -12.98 35.30
CA ASP C 36 9.28 -12.03 34.32
C ASP C 36 8.17 -11.17 33.77
N LEU C 37 6.99 -11.74 33.64
CA LEU C 37 5.85 -10.99 33.13
C LEU C 37 5.76 -9.72 33.97
N MET C 38 6.11 -9.83 35.24
CA MET C 38 6.15 -8.65 36.09
C MET C 38 7.47 -7.90 36.16
N ALA C 39 8.57 -8.60 36.20
CA ALA C 39 9.83 -7.90 36.16
C ALA C 39 10.13 -7.27 34.79
N TYR C 40 10.12 -8.08 33.74
CA TYR C 40 10.35 -7.55 32.39
C TYR C 40 9.31 -6.53 32.00
N CYS C 41 8.10 -6.65 32.55
CA CYS C 41 7.10 -5.64 32.27
C CYS C 41 7.62 -4.33 32.76
N GLU C 42 8.00 -4.32 34.03
CA GLU C 42 8.54 -3.08 34.61
C GLU C 42 9.86 -2.77 33.92
N ALA C 43 10.42 -3.75 33.20
CA ALA C 43 11.69 -3.52 32.53
C ALA C 43 11.55 -2.78 31.21
N HIS C 44 10.62 -3.29 30.38
CA HIS C 44 10.45 -2.74 29.05
C HIS C 44 9.13 -2.05 28.80
N ALA C 45 8.30 -1.92 29.82
CA ALA C 45 7.05 -1.17 29.66
C ALA C 45 7.32 0.30 29.79
N LYS C 46 8.29 0.65 30.62
CA LYS C 46 8.67 2.05 30.70
C LYS C 46 9.13 2.40 29.30
N GLU C 47 9.62 1.39 28.59
CA GLU C 47 10.07 1.59 27.22
C GLU C 47 8.98 1.16 26.27
N ASP C 48 7.78 0.93 26.78
CA ASP C 48 6.67 0.54 25.92
C ASP C 48 5.85 1.76 25.56
N PRO C 49 6.17 2.37 24.41
CA PRO C 49 5.48 3.60 24.04
C PRO C 49 4.07 3.32 23.58
N LEU C 50 3.79 2.09 23.15
CA LEU C 50 2.44 1.78 22.75
C LEU C 50 1.60 1.85 24.00
N LEU C 51 2.20 1.48 25.13
CA LEU C 51 1.50 1.55 26.39
C LEU C 51 1.61 2.89 27.09
N THR C 52 2.83 3.38 27.36
CA THR C 52 3.03 4.71 27.95
C THR C 52 3.17 5.62 26.80
N PRO C 53 2.09 6.31 26.41
CA PRO C 53 2.13 7.13 25.20
C PRO C 53 3.35 8.01 25.09
N VAL C 54 3.95 8.13 23.91
CA VAL C 54 5.15 8.91 23.82
C VAL C 54 4.81 10.38 23.76
N PRO C 55 5.21 11.17 24.79
CA PRO C 55 4.87 12.58 24.65
C PRO C 55 6.08 13.40 24.21
N ALA C 56 7.08 12.74 23.64
CA ALA C 56 8.29 13.45 23.20
C ALA C 56 7.91 14.71 22.45
N SER C 57 8.60 15.82 22.74
CA SER C 57 8.23 17.08 22.13
C SER C 57 8.17 16.84 20.64
N GLU C 58 8.98 15.91 20.16
CA GLU C 58 8.94 15.57 18.75
C GLU C 58 8.87 14.06 18.72
N ASN C 59 7.80 13.50 19.28
CA ASN C 59 7.66 12.05 19.35
C ASN C 59 7.86 11.55 17.92
N PRO C 60 8.53 10.38 17.77
CA PRO C 60 8.81 9.93 16.40
C PRO C 60 7.54 9.94 15.60
N PHE C 61 6.43 9.58 16.24
CA PHE C 61 5.16 9.64 15.55
C PHE C 61 4.10 10.46 16.28
N ARG C 62 4.15 10.54 17.60
CA ARG C 62 3.05 11.23 18.29
C ARG C 62 3.27 12.73 18.28
N GLU C 63 4.39 13.19 17.72
CA GLU C 63 4.70 14.63 17.64
C GLU C 63 4.16 15.48 18.79
N ALA D 38 32.87 -0.85 -9.91
CA ALA D 38 33.53 -0.11 -10.97
C ALA D 38 32.86 1.22 -11.22
N VAL D 39 32.72 2.02 -10.16
CA VAL D 39 32.13 3.35 -10.29
C VAL D 39 33.14 4.27 -10.96
N GLN D 40 32.71 4.94 -12.03
CA GLN D 40 33.61 5.75 -12.85
C GLN D 40 32.94 7.06 -13.19
N LEU D 41 33.57 8.17 -12.80
CA LEU D 41 33.10 9.52 -13.13
C LEU D 41 34.23 10.25 -13.83
N VAL D 42 34.05 10.51 -15.12
CA VAL D 42 35.04 11.23 -15.92
C VAL D 42 34.33 12.35 -16.67
N GLU D 43 34.96 13.52 -16.71
CA GLU D 43 34.39 14.68 -17.37
C GLU D 43 35.41 15.28 -18.34
N SER D 44 34.89 15.92 -19.39
CA SER D 44 35.74 16.51 -20.42
C SER D 44 35.10 17.80 -20.91
N GLY D 45 35.93 18.66 -21.50
CA GLY D 45 35.46 19.91 -22.05
C GLY D 45 36.07 21.12 -21.37
N GLY D 46 36.97 21.80 -22.06
CA GLY D 46 37.64 22.98 -21.53
C GLY D 46 39.15 22.80 -21.51
N GLY D 47 39.82 23.85 -21.05
CA GLY D 47 41.27 23.85 -21.00
C GLY D 47 41.89 25.17 -21.40
N LEU D 48 41.21 25.89 -22.28
CA LEU D 48 41.69 27.20 -22.72
C LEU D 48 40.50 28.00 -23.22
N VAL D 49 40.27 29.17 -22.62
CA VAL D 49 39.12 30.00 -22.93
C VAL D 49 39.61 31.41 -23.26
N GLN D 50 39.21 31.91 -24.42
CA GLN D 50 39.50 33.30 -24.76
C GLN D 50 38.61 34.23 -23.94
N PRO D 51 39.11 35.42 -23.59
CA PRO D 51 38.30 36.34 -22.78
C PRO D 51 37.01 36.77 -23.47
N GLY D 52 35.92 36.71 -22.72
CA GLY D 52 34.62 37.03 -23.27
C GLY D 52 34.06 35.92 -24.11
N GLY D 53 34.54 34.68 -23.93
CA GLY D 53 34.09 33.55 -24.70
C GLY D 53 33.17 32.63 -23.93
N SER D 54 32.87 31.49 -24.54
CA SER D 54 31.97 30.49 -23.98
C SER D 54 32.59 29.11 -24.11
N ARG D 55 32.21 28.22 -23.20
CA ARG D 55 32.72 26.86 -23.19
C ARG D 55 31.63 25.92 -22.71
N LYS D 56 31.79 24.64 -23.03
CA LYS D 56 30.83 23.60 -22.68
C LYS D 56 31.51 22.54 -21.83
N LEU D 57 30.81 22.08 -20.80
CA LEU D 57 31.28 21.02 -19.92
C LEU D 57 30.35 19.82 -20.00
N SER D 58 30.92 18.64 -19.77
CA SER D 58 30.15 17.40 -19.78
C SER D 58 30.81 16.40 -18.85
N CYS D 59 29.98 15.70 -18.07
CA CYS D 59 30.47 14.70 -17.11
C CYS D 59 29.81 13.36 -17.43
N SER D 60 30.63 12.32 -17.54
CA SER D 60 30.16 10.98 -17.89
C SER D 60 30.17 10.09 -16.64
N ALA D 61 29.05 9.43 -16.39
CA ALA D 61 28.88 8.58 -15.23
C ALA D 61 28.70 7.13 -15.66
N SER D 62 29.27 6.21 -14.89
CA SER D 62 29.13 4.79 -15.18
C SER D 62 29.38 4.01 -13.90
N GLY D 63 28.90 2.77 -13.89
CA GLY D 63 29.09 1.88 -12.77
C GLY D 63 28.14 2.04 -11.61
N PHE D 64 27.12 2.88 -11.75
CA PHE D 64 26.16 3.09 -10.67
C PHE D 64 24.87 3.64 -11.25
N ALA D 65 23.79 3.54 -10.46
CA ALA D 65 22.47 3.99 -10.87
C ALA D 65 22.41 5.52 -10.75
N PHE D 66 23.05 6.18 -11.72
CA PHE D 66 23.14 7.63 -11.71
C PHE D 66 21.78 8.29 -11.88
N SER D 67 20.83 7.59 -12.52
CA SER D 67 19.52 8.18 -12.78
C SER D 67 18.78 8.51 -11.49
N SER D 68 19.07 7.78 -10.40
CA SER D 68 18.49 8.05 -9.11
C SER D 68 19.41 8.85 -8.21
N PHE D 69 20.45 9.45 -8.78
CA PHE D 69 21.47 10.18 -8.04
C PHE D 69 21.40 11.66 -8.38
N GLY D 70 21.31 12.50 -7.36
CA GLY D 70 21.56 13.92 -7.54
C GLY D 70 23.04 14.18 -7.73
N MET D 71 23.35 15.32 -8.34
CA MET D 71 24.75 15.61 -8.66
C MET D 71 25.07 17.06 -8.34
N HIS D 72 26.27 17.28 -7.82
CA HIS D 72 26.77 18.61 -7.55
C HIS D 72 27.73 19.02 -8.65
N TRP D 73 28.41 20.16 -8.47
CA TRP D 73 29.42 20.63 -9.39
C TRP D 73 30.40 21.49 -8.60
N VAL D 74 31.66 21.06 -8.54
CA VAL D 74 32.66 21.71 -7.71
C VAL D 74 33.81 22.18 -8.60
N ARG D 75 34.04 23.48 -8.61
CA ARG D 75 35.19 24.07 -9.28
C ARG D 75 36.38 24.11 -8.33
N GLN D 76 37.56 24.41 -8.87
CA GLN D 76 38.77 24.48 -8.05
C GLN D 76 39.76 25.42 -8.73
N ALA D 77 39.91 26.62 -8.18
CA ALA D 77 40.91 27.54 -8.69
C ALA D 77 42.31 27.05 -8.34
N PRO D 78 43.26 27.12 -9.27
CA PRO D 78 44.62 26.67 -8.97
C PRO D 78 45.23 27.45 -7.82
N GLU D 79 45.96 26.73 -6.96
CA GLU D 79 46.55 27.30 -5.75
C GLU D 79 45.50 28.00 -4.90
N LYS D 80 44.31 27.40 -4.82
CA LYS D 80 43.20 27.96 -4.08
C LYS D 80 42.25 26.83 -3.71
N GLY D 81 41.08 27.19 -3.17
CA GLY D 81 40.10 26.23 -2.73
C GLY D 81 39.12 25.85 -3.83
N LEU D 82 38.03 25.23 -3.39
CA LEU D 82 36.98 24.76 -4.29
C LEU D 82 35.84 25.77 -4.35
N GLU D 83 34.96 25.57 -5.34
CA GLU D 83 33.81 26.46 -5.51
C GLU D 83 32.68 25.72 -6.22
N TRP D 84 31.50 25.74 -5.61
CA TRP D 84 30.33 25.11 -6.21
C TRP D 84 29.80 25.98 -7.33
N VAL D 85 29.45 25.35 -8.45
CA VAL D 85 28.97 26.12 -9.60
C VAL D 85 27.59 25.72 -10.08
N ALA D 86 27.12 24.49 -9.85
CA ALA D 86 25.81 24.09 -10.36
C ALA D 86 25.31 22.90 -9.55
N TYR D 87 24.02 22.64 -9.66
CA TYR D 87 23.41 21.53 -8.94
C TYR D 87 22.04 21.23 -9.54
N ILE D 88 21.73 19.94 -9.62
CA ILE D 88 20.39 19.47 -9.98
C ILE D 88 20.06 18.28 -9.08
N SER D 89 18.83 18.24 -8.59
CA SER D 89 18.44 17.22 -7.62
C SER D 89 18.19 15.89 -8.32
N SER D 90 17.81 14.89 -7.53
CA SER D 90 17.59 13.54 -8.02
C SER D 90 16.32 13.51 -8.86
N GLY D 91 16.48 13.59 -10.18
CA GLY D 91 15.35 13.56 -11.08
C GLY D 91 15.05 14.91 -11.70
N SER D 92 16.07 15.78 -11.76
CA SER D 92 15.94 17.12 -12.34
C SER D 92 14.83 17.93 -11.69
N GLY D 93 14.66 17.77 -10.38
CA GLY D 93 13.60 18.45 -9.67
C GLY D 93 13.87 19.90 -9.36
N THR D 94 14.89 20.14 -8.54
CA THR D 94 15.21 21.49 -8.05
C THR D 94 16.58 21.88 -8.59
N ILE D 95 16.59 22.54 -9.75
CA ILE D 95 17.83 23.01 -10.36
C ILE D 95 18.35 24.21 -9.56
N TYR D 96 19.64 24.21 -9.28
CA TYR D 96 20.27 25.25 -8.46
C TYR D 96 21.46 25.83 -9.21
N TYR D 97 21.85 27.04 -8.81
CA TYR D 97 23.03 27.68 -9.36
C TYR D 97 23.68 28.55 -8.29
N ALA D 98 24.96 28.82 -8.48
CA ALA D 98 25.69 29.70 -7.58
C ALA D 98 25.55 31.15 -8.05
N ASP D 99 25.67 32.07 -7.09
CA ASP D 99 25.47 33.48 -7.39
C ASP D 99 26.51 33.99 -8.39
N THR D 100 27.76 33.52 -8.25
CA THR D 100 28.84 34.01 -9.11
C THR D 100 28.61 33.70 -10.58
N VAL D 101 27.85 32.65 -10.88
CA VAL D 101 27.63 32.26 -12.27
C VAL D 101 26.12 32.17 -12.55
N LYS D 102 25.32 32.77 -11.66
CA LYS D 102 23.87 32.70 -11.80
C LYS D 102 23.43 33.35 -13.10
N GLY D 103 22.83 32.56 -13.98
CA GLY D 103 22.40 33.06 -15.28
C GLY D 103 23.40 32.77 -16.37
N ARG D 104 24.68 32.92 -16.05
CA ARG D 104 25.73 32.64 -17.03
C ARG D 104 25.81 31.16 -17.35
N PHE D 105 25.59 30.30 -16.35
CA PHE D 105 25.77 28.86 -16.49
C PHE D 105 24.41 28.17 -16.57
N THR D 106 24.43 26.95 -17.11
CA THR D 106 23.24 26.10 -17.14
C THR D 106 23.67 24.64 -17.00
N ILE D 107 22.93 23.90 -16.18
CA ILE D 107 23.25 22.51 -15.86
C ILE D 107 22.04 21.64 -16.19
N SER D 108 22.29 20.54 -16.89
CA SER D 108 21.24 19.59 -17.24
C SER D 108 21.82 18.18 -17.24
N ARG D 109 21.01 17.22 -16.84
CA ARG D 109 21.41 15.82 -16.77
C ARG D 109 20.67 15.00 -17.81
N ASP D 110 21.42 14.14 -18.50
CA ASP D 110 20.84 13.18 -19.45
C ASP D 110 20.79 11.82 -18.76
N ASP D 111 19.73 11.62 -17.97
CA ASP D 111 19.59 10.38 -17.19
C ASP D 111 19.55 9.14 -18.07
N PRO D 112 18.78 9.06 -19.15
CA PRO D 112 18.87 7.88 -20.02
C PRO D 112 20.24 7.66 -20.61
N LYS D 113 20.98 8.73 -20.91
CA LYS D 113 22.31 8.61 -21.47
C LYS D 113 23.41 8.61 -20.40
N ASN D 114 23.04 8.77 -19.14
CA ASN D 114 23.98 8.66 -18.01
C ASN D 114 25.12 9.67 -18.11
N THR D 115 24.87 10.83 -18.72
CA THR D 115 25.88 11.85 -18.92
C THR D 115 25.33 13.22 -18.54
N LEU D 116 26.22 14.11 -18.17
CA LEU D 116 25.87 15.46 -17.74
C LEU D 116 26.20 16.48 -18.82
N PHE D 117 25.40 17.54 -18.86
CA PHE D 117 25.60 18.65 -19.79
C PHE D 117 25.65 19.96 -19.01
N LEU D 118 26.71 20.74 -19.21
CA LEU D 118 26.84 22.06 -18.62
C LEU D 118 27.37 23.02 -19.68
N GLN D 119 26.69 24.14 -19.86
CA GLN D 119 27.09 25.16 -20.82
C GLN D 119 27.41 26.44 -20.07
N MET D 120 28.61 26.97 -20.31
CA MET D 120 29.06 28.22 -19.70
C MET D 120 29.27 29.25 -20.78
N THR D 121 28.54 30.36 -20.70
CA THR D 121 28.54 31.38 -21.74
C THR D 121 29.05 32.70 -21.17
N SER D 122 29.73 33.47 -22.02
CA SER D 122 30.31 34.76 -21.64
C SER D 122 31.23 34.62 -20.43
N LEU D 123 32.18 33.70 -20.54
CA LEU D 123 33.07 33.40 -19.42
C LEU D 123 33.96 34.59 -19.10
N ARG D 124 34.08 34.90 -17.82
CA ARG D 124 34.91 35.99 -17.34
C ARG D 124 36.28 35.48 -16.94
N SER D 125 37.18 36.41 -16.61
CA SER D 125 38.54 36.05 -16.24
C SER D 125 38.59 35.24 -14.94
N GLU D 126 37.59 35.38 -14.07
CA GLU D 126 37.58 34.62 -12.82
C GLU D 126 37.38 33.13 -13.06
N ASP D 127 36.92 32.74 -14.25
CA ASP D 127 36.68 31.32 -14.54
C ASP D 127 37.94 30.62 -14.99
N THR D 128 39.00 30.71 -14.18
CA THR D 128 40.25 29.98 -14.40
C THR D 128 40.36 28.98 -13.27
N ALA D 129 39.78 27.79 -13.46
CA ALA D 129 39.69 26.84 -12.37
C ALA D 129 39.46 25.43 -12.92
N MET D 130 39.60 24.45 -12.02
CA MET D 130 39.44 23.04 -12.34
C MET D 130 38.12 22.54 -11.77
N TYR D 131 37.32 21.88 -12.61
CA TYR D 131 36.03 21.38 -12.19
C TYR D 131 36.14 19.95 -11.67
N TYR D 132 35.10 19.53 -10.95
CA TYR D 132 35.08 18.19 -10.34
C TYR D 132 33.65 17.70 -10.29
N CYS D 133 33.32 16.71 -11.13
CA CYS D 133 31.99 16.12 -11.12
C CYS D 133 31.77 15.33 -9.83
N VAL D 134 30.58 15.49 -9.24
CA VAL D 134 30.24 14.82 -7.99
C VAL D 134 28.85 14.20 -8.14
N ARG D 135 28.60 13.16 -7.36
CA ARG D 135 27.30 12.48 -7.32
C ARG D 135 26.74 12.58 -5.90
N SER D 136 25.44 12.32 -5.78
CA SER D 136 24.77 12.42 -4.50
C SER D 136 23.46 11.66 -4.55
N ILE D 137 23.22 10.83 -3.53
CA ILE D 137 21.94 10.14 -3.34
C ILE D 137 21.34 10.67 -2.05
N TYR D 138 20.06 11.04 -2.16
CA TYR D 138 19.37 11.63 -1.03
C TYR D 138 18.26 10.81 -0.46
N TYR D 139 18.52 10.07 0.60
CA TYR D 139 17.49 9.32 1.32
C TYR D 139 17.92 9.27 2.77
N TYR D 140 17.18 8.50 3.58
CA TYR D 140 17.46 8.41 5.00
C TYR D 140 18.80 7.69 5.21
N GLY D 141 19.79 8.41 5.69
CA GLY D 141 21.11 7.85 5.91
C GLY D 141 21.84 7.42 4.66
N SER D 142 21.78 8.25 3.61
CA SER D 142 22.39 7.93 2.33
C SER D 142 23.85 8.33 2.32
N SER D 143 24.47 8.32 1.14
CA SER D 143 25.88 8.66 0.95
C SER D 143 25.97 9.80 -0.05
N PRO D 144 25.84 11.05 0.40
CA PRO D 144 25.92 12.19 -0.52
C PRO D 144 27.35 12.68 -0.71
N PHE D 145 27.66 13.07 -1.94
CA PHE D 145 28.99 13.54 -2.32
C PHE D 145 30.06 12.51 -1.95
N ASP D 146 29.87 11.29 -2.43
CA ASP D 146 30.78 10.20 -2.12
C ASP D 146 31.85 10.03 -3.19
N PHE D 147 31.44 9.96 -4.46
CA PHE D 147 32.36 9.74 -5.57
C PHE D 147 32.55 11.05 -6.33
N TRP D 148 33.80 11.40 -6.59
CA TRP D 148 34.15 12.62 -7.30
C TRP D 148 34.79 12.26 -8.65
N GLY D 149 34.49 13.05 -9.66
CA GLY D 149 35.06 12.82 -10.97
C GLY D 149 36.55 13.13 -11.01
N GLN D 150 37.19 12.66 -12.07
CA GLN D 150 38.64 12.85 -12.20
C GLN D 150 39.00 14.32 -12.26
N GLY D 151 38.25 15.12 -13.01
CA GLY D 151 38.46 16.55 -13.04
C GLY D 151 38.79 17.10 -14.41
N THR D 152 38.22 18.26 -14.74
CA THR D 152 38.51 18.95 -15.99
C THR D 152 38.81 20.40 -15.68
N THR D 153 39.99 20.86 -16.11
CA THR D 153 40.44 22.21 -15.81
C THR D 153 40.04 23.17 -16.92
N LEU D 154 39.58 24.35 -16.55
CA LEU D 154 39.21 25.40 -17.49
C LEU D 154 40.04 26.63 -17.18
N THR D 155 40.73 27.16 -18.20
CA THR D 155 41.59 28.32 -18.03
C THR D 155 41.18 29.41 -19.00
N VAL D 156 41.10 30.65 -18.52
CA VAL D 156 40.82 31.81 -19.33
C VAL D 156 41.91 32.85 -19.08
N SER D 157 42.44 33.42 -20.15
CA SER D 157 43.52 34.39 -20.02
C SER D 157 43.01 35.68 -19.39
N ALA D 158 43.90 36.31 -18.62
CA ALA D 158 43.56 37.57 -17.95
C ALA D 158 44.17 38.76 -18.70
N SER D 174 26.40 37.05 1.19
CA SER D 174 25.11 37.12 1.87
C SER D 174 24.73 35.77 2.45
N ASP D 175 25.60 34.77 2.25
CA ASP D 175 25.39 33.43 2.75
C ASP D 175 26.51 33.06 3.72
N ILE D 176 26.52 31.80 4.15
CA ILE D 176 27.46 31.32 5.15
C ILE D 176 28.76 30.94 4.46
N VAL D 177 29.88 31.21 5.14
CA VAL D 177 31.20 30.79 4.70
C VAL D 177 31.88 30.09 5.88
N MET D 178 32.86 29.25 5.55
CA MET D 178 33.56 28.46 6.55
C MET D 178 35.03 28.84 6.60
N THR D 179 35.61 28.72 7.79
CA THR D 179 36.96 29.19 8.08
C THR D 179 37.95 28.03 7.87
N GLN D 180 38.59 28.03 6.70
CA GLN D 180 39.65 27.06 6.41
C GLN D 180 41.00 27.68 6.76
N ALA D 181 41.12 28.06 8.03
CA ALA D 181 42.35 28.62 8.55
C ALA D 181 43.35 27.51 8.86
N THR D 182 44.45 27.84 9.53
CA THR D 182 45.50 26.88 9.84
C THR D 182 46.01 26.26 8.55
N SER D 183 46.63 27.07 7.70
CA SER D 183 46.98 26.70 6.34
C SER D 183 47.82 25.43 6.27
N SER D 184 48.69 25.21 7.24
CA SER D 184 49.54 24.03 7.20
C SER D 184 50.09 23.73 8.58
N VAL D 185 49.88 22.50 9.04
CA VAL D 185 50.56 21.96 10.21
C VAL D 185 51.16 20.62 9.77
N PRO D 186 52.31 20.63 9.09
CA PRO D 186 52.90 19.38 8.64
C PRO D 186 53.28 18.49 9.82
N VAL D 187 53.10 17.18 9.65
CA VAL D 187 53.42 16.20 10.67
C VAL D 187 54.00 14.96 10.00
N THR D 188 54.87 14.27 10.74
CA THR D 188 55.44 12.99 10.37
C THR D 188 54.35 11.93 10.34
N PRO D 189 54.43 10.95 9.42
CA PRO D 189 53.37 9.95 9.30
C PRO D 189 53.05 9.21 10.60
N GLY D 190 53.96 9.24 11.56
CA GLY D 190 53.70 8.64 12.86
C GLY D 190 53.14 9.61 13.89
N GLU D 191 51.98 10.19 13.60
CA GLU D 191 51.35 11.15 14.50
C GLU D 191 49.91 11.28 14.01
N SER D 192 49.14 12.14 14.70
CA SER D 192 47.75 12.40 14.36
C SER D 192 47.51 13.90 14.16
N VAL D 193 46.61 14.22 13.23
CA VAL D 193 46.28 15.61 12.90
C VAL D 193 44.76 15.75 12.89
N SER D 194 44.26 16.82 13.51
CA SER D 194 42.85 17.13 13.54
C SER D 194 42.60 18.41 12.75
N ILE D 195 41.68 18.36 11.80
CA ILE D 195 41.33 19.50 10.97
C ILE D 195 39.91 19.95 11.31
N SER D 196 39.61 21.21 10.98
CA SER D 196 38.29 21.75 11.26
C SER D 196 38.08 23.01 10.44
N CYS D 197 36.82 23.26 10.08
CA CYS D 197 36.40 24.53 9.50
C CYS D 197 35.13 24.98 10.23
N ARG D 198 35.08 26.26 10.58
CA ARG D 198 34.06 26.78 11.49
C ARG D 198 32.87 27.35 10.73
N SER D 199 31.70 27.25 11.36
CA SER D 199 30.45 27.79 10.82
C SER D 199 29.81 28.67 11.88
N SER D 200 29.21 29.78 11.43
CA SER D 200 28.60 30.73 12.36
C SER D 200 27.39 30.12 13.06
N LYS D 201 26.47 29.55 12.30
CA LYS D 201 25.23 29.04 12.87
C LYS D 201 25.42 27.61 13.39
N SER D 202 24.50 27.19 14.24
CA SER D 202 24.50 25.82 14.74
C SER D 202 24.15 24.87 13.60
N LEU D 203 25.00 23.86 13.38
CA LEU D 203 24.82 22.98 12.25
C LEU D 203 23.61 22.06 12.43
N LEU D 204 23.38 21.59 13.65
CA LEU D 204 22.34 20.59 13.88
C LEU D 204 20.96 21.18 13.60
N HIS D 205 20.14 20.42 12.87
CA HIS D 205 18.76 20.76 12.59
C HIS D 205 17.91 19.88 13.51
N SER D 206 16.59 20.08 13.47
CA SER D 206 15.69 19.22 14.22
C SER D 206 15.87 17.76 13.83
N ASN D 207 16.25 17.49 12.59
CA ASN D 207 16.58 16.13 12.18
C ASN D 207 17.88 15.65 12.79
N GLY D 208 18.76 16.57 13.20
CA GLY D 208 20.03 16.21 13.78
C GLY D 208 21.17 16.02 12.81
N ASN D 209 20.91 16.09 11.51
CA ASN D 209 21.93 15.89 10.50
C ASN D 209 22.67 17.20 10.23
N THR D 210 23.97 17.21 10.48
CA THR D 210 24.82 18.39 10.32
C THR D 210 25.70 18.19 9.09
N TYR D 211 25.59 19.10 8.13
CA TYR D 211 26.26 18.96 6.84
C TYR D 211 27.55 19.78 6.85
N LEU D 212 28.67 19.11 7.09
CA LEU D 212 30.00 19.69 7.00
C LEU D 212 30.87 18.65 6.31
N TYR D 213 30.53 18.35 5.05
CA TYR D 213 31.16 17.32 4.23
C TYR D 213 32.67 17.43 4.27
N TRP D 214 33.36 16.33 4.54
CA TRP D 214 34.81 16.33 4.64
C TRP D 214 35.42 15.63 3.44
N PHE D 215 36.51 16.19 2.92
CA PHE D 215 37.17 15.64 1.75
C PHE D 215 38.68 15.86 1.90
N LEU D 216 39.44 15.19 1.04
CA LEU D 216 40.90 15.30 1.07
C LEU D 216 41.39 15.29 -0.38
N GLN D 217 41.68 16.47 -0.91
CA GLN D 217 42.14 16.61 -2.29
C GLN D 217 43.60 16.19 -2.37
N ARG D 218 43.85 14.89 -2.53
CA ARG D 218 45.21 14.40 -2.69
C ARG D 218 45.80 14.88 -4.01
N PRO D 219 47.10 15.15 -4.04
CA PRO D 219 47.71 15.69 -5.27
C PRO D 219 47.60 14.72 -6.43
N GLY D 220 47.09 15.22 -7.55
CA GLY D 220 46.99 14.47 -8.77
C GLY D 220 45.61 13.93 -9.09
N GLN D 221 44.70 13.86 -8.12
CA GLN D 221 43.38 13.31 -8.34
C GLN D 221 42.37 14.01 -7.44
N SER D 222 41.12 13.56 -7.54
CA SER D 222 40.01 14.22 -6.87
C SER D 222 39.99 13.91 -5.38
N PRO D 223 39.32 14.76 -4.59
CA PRO D 223 39.15 14.44 -3.17
C PRO D 223 38.29 13.21 -2.96
N GLN D 224 38.57 12.50 -1.87
CA GLN D 224 37.83 11.30 -1.49
C GLN D 224 36.95 11.62 -0.30
N LEU D 225 35.67 11.23 -0.39
CA LEU D 225 34.73 11.51 0.69
C LEU D 225 35.17 10.80 1.97
N LEU D 226 35.63 11.58 2.95
CA LEU D 226 36.01 11.01 4.23
C LEU D 226 34.80 10.77 5.11
N ILE D 227 34.00 11.81 5.33
CA ILE D 227 32.79 11.73 6.15
C ILE D 227 31.74 12.60 5.48
N TYR D 228 30.74 11.98 4.85
CA TYR D 228 29.62 12.77 4.36
C TYR D 228 28.80 13.25 5.55
N ARG D 229 28.12 14.37 5.35
CA ARG D 229 27.53 15.13 6.47
C ARG D 229 28.69 15.44 7.42
N MET D 230 28.50 15.32 8.73
CA MET D 230 29.62 15.47 9.65
C MET D 230 29.72 14.34 10.67
N SER D 231 28.80 13.39 10.63
CA SER D 231 28.75 12.31 11.61
C SER D 231 29.03 10.91 11.12
N ASN D 232 28.65 10.57 9.89
CA ASN D 232 28.68 9.21 9.39
C ASN D 232 29.84 9.01 8.42
N LEU D 233 30.54 7.90 8.55
CA LEU D 233 31.71 7.64 7.69
C LEU D 233 31.33 7.32 6.24
N ALA D 234 32.33 7.18 5.38
CA ALA D 234 32.05 6.91 3.97
C ALA D 234 32.44 5.53 3.45
N SER D 235 32.04 5.22 2.21
CA SER D 235 32.33 3.92 1.62
C SER D 235 33.70 3.94 0.96
N GLY D 236 34.55 3.00 1.36
CA GLY D 236 35.89 2.90 0.83
C GLY D 236 36.95 3.60 1.65
N VAL D 237 36.56 4.53 2.52
CA VAL D 237 37.54 5.22 3.37
C VAL D 237 37.99 4.28 4.48
N PRO D 238 39.24 4.35 4.94
CA PRO D 238 39.66 3.50 6.06
C PRO D 238 39.09 3.96 7.39
N ASP D 239 39.50 3.29 8.47
CA ASP D 239 39.04 3.64 9.81
C ASP D 239 39.80 4.81 10.41
N ARG D 240 40.87 5.27 9.77
CA ARG D 240 41.67 6.35 10.34
C ARG D 240 40.93 7.67 10.30
N PHE D 241 40.33 8.00 9.16
CA PHE D 241 39.62 9.26 8.99
C PHE D 241 38.30 9.21 9.76
N SER D 242 38.19 10.02 10.81
CA SER D 242 37.01 10.08 11.66
C SER D 242 36.60 11.54 11.85
N GLY D 243 35.54 11.75 12.61
CA GLY D 243 35.04 13.08 12.87
C GLY D 243 34.09 13.15 14.04
N SER D 244 34.08 14.28 14.75
CA SER D 244 33.19 14.48 15.88
C SER D 244 33.02 15.98 16.12
N GLY D 245 31.89 16.33 16.73
CA GLY D 245 31.60 17.72 17.01
C GLY D 245 30.33 17.85 17.81
N SER D 246 29.99 19.10 18.14
CA SER D 246 28.79 19.39 18.92
C SER D 246 28.27 20.76 18.52
N GLY D 247 27.35 20.78 17.55
CA GLY D 247 26.69 22.00 17.14
C GLY D 247 27.48 22.86 16.17
N THR D 248 28.49 23.55 16.70
CA THR D 248 29.35 24.41 15.89
C THR D 248 30.80 23.96 15.89
N ALA D 249 31.27 23.34 16.96
CA ALA D 249 32.63 22.79 16.99
C ALA D 249 32.67 21.48 16.21
N PHE D 250 33.88 21.14 15.73
CA PHE D 250 34.08 19.91 14.99
C PHE D 250 35.54 19.51 15.11
N THR D 251 35.82 18.24 14.81
CA THR D 251 37.17 17.71 14.91
C THR D 251 37.31 16.56 13.92
N LEU D 252 38.04 16.79 12.83
CA LEU D 252 38.33 15.74 11.86
C LEU D 252 39.47 14.89 12.43
N THR D 253 39.10 14.02 13.37
CA THR D 253 40.09 13.20 14.06
C THR D 253 40.67 12.17 13.10
N ILE D 254 41.95 12.33 12.75
CA ILE D 254 42.67 11.39 11.90
C ILE D 254 43.67 10.65 12.77
N SER D 255 43.66 9.32 12.68
CA SER D 255 44.48 8.51 13.56
C SER D 255 45.95 8.52 13.14
N ARG D 256 46.23 8.01 11.94
CA ARG D 256 47.60 7.92 11.44
C ARG D 256 47.68 8.47 10.03
N LEU D 257 48.88 8.88 9.64
CA LEU D 257 49.13 9.41 8.30
C LEU D 257 50.09 8.50 7.56
N GLU D 258 49.94 8.45 6.23
CA GLU D 258 50.91 7.79 5.36
C GLU D 258 51.01 8.55 4.05
N ALA D 259 51.60 7.92 3.02
CA ALA D 259 51.84 8.62 1.76
C ALA D 259 50.55 9.10 1.12
N GLU D 260 49.49 8.31 1.21
CA GLU D 260 48.21 8.68 0.60
C GLU D 260 47.50 9.77 1.38
N ASP D 261 47.76 9.90 2.69
CA ASP D 261 47.09 10.89 3.53
C ASP D 261 47.47 12.33 3.21
N VAL D 262 48.48 12.54 2.36
CA VAL D 262 48.82 13.90 1.96
C VAL D 262 47.73 14.46 1.06
N GLY D 263 47.62 15.78 1.04
CA GLY D 263 46.60 16.47 0.25
C GLY D 263 45.91 17.54 1.07
N VAL D 264 45.31 18.50 0.37
CA VAL D 264 44.61 19.59 1.03
C VAL D 264 43.16 19.18 1.27
N TYR D 265 42.71 19.33 2.51
CA TYR D 265 41.34 18.97 2.85
C TYR D 265 40.40 20.14 2.54
N TYR D 266 39.10 19.82 2.45
CA TYR D 266 38.09 20.81 2.14
C TYR D 266 36.80 20.42 2.84
N CYS D 267 35.92 21.41 3.05
CA CYS D 267 34.62 21.18 3.65
C CYS D 267 33.53 21.84 2.84
N MET D 268 32.35 21.21 2.82
CA MET D 268 31.18 21.72 2.14
C MET D 268 30.09 22.03 3.14
N GLN D 269 29.14 22.87 2.74
CA GLN D 269 27.95 23.20 3.53
C GLN D 269 26.73 22.94 2.66
N HIS D 270 25.83 22.07 3.13
CA HIS D 270 24.61 21.76 2.42
C HIS D 270 23.37 22.27 3.15
N LEU D 271 23.52 22.87 4.32
CA LEU D 271 22.37 23.35 5.08
C LEU D 271 21.58 24.41 4.32
N GLU D 272 22.23 25.53 4.02
CA GLU D 272 21.57 26.59 3.28
C GLU D 272 21.49 26.23 1.81
N TYR D 273 20.82 27.09 1.05
CA TYR D 273 20.71 26.88 -0.40
C TYR D 273 22.06 26.81 -1.10
N PRO D 274 23.00 27.74 -0.88
CA PRO D 274 24.26 27.68 -1.63
C PRO D 274 25.29 26.79 -0.95
N LEU D 275 25.96 25.97 -1.77
CA LEU D 275 26.98 25.03 -1.28
C LEU D 275 28.34 25.73 -1.30
N THR D 276 28.57 26.59 -0.32
CA THR D 276 29.86 27.25 -0.20
C THR D 276 30.96 26.21 0.03
N PHE D 277 31.85 26.07 -0.95
CA PHE D 277 32.90 25.07 -0.89
C PHE D 277 34.03 25.54 0.02
N GLY D 278 35.01 24.67 0.25
CA GLY D 278 36.08 24.95 1.19
C GLY D 278 37.22 25.75 0.57
N ALA D 279 37.84 26.61 1.38
CA ALA D 279 38.94 27.42 0.89
C ALA D 279 40.20 26.59 0.76
N GLY D 280 41.15 27.09 -0.04
CA GLY D 280 42.37 26.33 -0.28
C GLY D 280 43.08 25.92 0.98
N THR D 281 43.68 24.73 0.95
CA THR D 281 44.44 24.26 2.10
C THR D 281 45.80 23.75 1.63
N LYS D 282 46.63 23.29 2.55
CA LYS D 282 47.91 22.72 2.17
C LYS D 282 47.94 21.27 2.61
N LEU D 283 48.69 20.44 1.90
CA LEU D 283 48.79 19.04 2.31
C LEU D 283 49.26 18.85 3.74
N GLU D 284 49.94 19.87 4.28
CA GLU D 284 50.47 19.76 5.64
C GLU D 284 51.17 18.43 5.76
N LEU D 285 52.03 18.11 4.78
CA LEU D 285 52.73 16.84 4.78
C LEU D 285 53.02 16.33 6.20
N CYS E 2 -40.90 39.02 -13.62
CA CYS E 2 -40.82 37.69 -14.19
C CYS E 2 -39.52 37.48 -14.95
N PHE E 3 -38.61 36.82 -14.25
CA PHE E 3 -37.30 36.59 -14.82
C PHE E 3 -36.37 35.54 -14.26
N LYS E 5 -35.83 34.18 -10.63
CA LYS E 5 -36.23 33.14 -9.69
C LYS E 5 -37.61 33.65 -9.15
N THR E 6 -38.06 34.82 -9.64
CA THR E 6 -39.25 35.45 -9.10
C THR E 6 -39.95 36.23 -10.20
N CYS E 7 -41.09 36.82 -9.84
CA CYS E 7 -41.85 37.67 -10.74
C CYS E 7 -42.38 38.91 -10.03
N GLU F 14 5.20 -54.33 16.67
CA GLU F 14 5.32 -53.68 17.97
C GLU F 14 4.52 -52.37 18.00
N LEU F 15 3.47 -52.31 17.19
CA LEU F 15 2.65 -51.11 17.10
C LEU F 15 2.04 -50.77 18.46
N ASP F 16 1.23 -51.68 19.01
CA ASP F 16 0.61 -51.44 20.30
C ASP F 16 1.64 -51.39 21.42
N GLN F 17 2.72 -52.17 21.30
CA GLN F 17 3.77 -52.16 22.33
C GLN F 17 4.40 -50.78 22.45
N LEU F 18 4.69 -50.13 21.32
CA LEU F 18 5.21 -48.78 21.37
C LEU F 18 4.13 -47.75 21.70
N ARG F 19 2.88 -48.03 21.32
CA ARG F 19 1.79 -47.13 21.64
C ARG F 19 1.58 -47.03 23.15
N GLN F 20 1.71 -48.15 23.86
CA GLN F 20 1.57 -48.14 25.31
C GLN F 20 2.66 -47.29 25.95
N GLU F 21 3.91 -47.43 25.49
CA GLU F 21 4.99 -46.63 26.05
C GLU F 21 4.80 -45.15 25.73
N ALA F 22 4.35 -44.84 24.52
CA ALA F 22 4.10 -43.45 24.16
C ALA F 22 2.97 -42.85 24.99
N GLU F 23 1.92 -43.65 25.25
CA GLU F 23 0.85 -43.19 26.14
C GLU F 23 1.35 -42.98 27.56
N GLN F 24 2.25 -43.84 28.04
CA GLN F 24 2.86 -43.62 29.34
C GLN F 24 3.64 -42.30 29.35
N LEU F 25 4.36 -42.03 28.26
CA LEU F 25 5.10 -40.77 28.15
C LEU F 25 4.17 -39.57 28.20
N LYS F 26 3.07 -39.63 27.45
CA LYS F 26 2.10 -38.54 27.49
C LYS F 26 1.50 -38.38 28.88
N ASN F 27 1.18 -39.48 29.55
CA ASN F 27 0.63 -39.41 30.90
C ASN F 27 1.62 -38.75 31.85
N GLN F 28 2.89 -39.15 31.78
CA GLN F 28 3.89 -38.58 32.67
C GLN F 28 4.07 -37.09 32.41
N ILE F 29 4.18 -36.69 31.14
CA ILE F 29 4.43 -35.28 30.84
C ILE F 29 3.22 -34.43 31.17
N ARG F 30 2.01 -34.95 30.93
CA ARG F 30 0.80 -34.20 31.26
C ARG F 30 0.64 -34.06 32.77
N ASP F 31 0.95 -35.12 33.53
CA ASP F 31 0.91 -35.02 34.97
C ASP F 31 1.95 -34.03 35.49
N ALA F 32 3.13 -33.99 34.87
CA ALA F 32 4.13 -33.00 35.24
C ALA F 32 3.64 -31.59 34.96
N ARG F 33 3.00 -31.39 33.80
CA ARG F 33 2.44 -30.08 33.48
C ARG F 33 1.38 -29.66 34.49
N LYS F 34 0.48 -30.59 34.84
CA LYS F 34 -0.57 -30.27 35.79
C LYS F 34 0.00 -29.98 37.17
N ALA F 35 1.02 -30.73 37.59
CA ALA F 35 1.65 -30.47 38.88
C ALA F 35 2.33 -29.11 38.90
N CYS F 36 3.04 -28.76 37.82
CA CYS F 36 3.68 -27.46 37.74
C CYS F 36 2.66 -26.34 37.60
N ALA F 37 1.65 -26.55 36.76
CA ALA F 37 0.61 -25.54 36.53
C ALA F 37 -0.52 -25.78 37.52
N ASP F 38 -0.41 -25.16 38.69
CA ASP F 38 -1.46 -25.28 39.69
C ASP F 38 -2.77 -24.69 39.18
N ALA F 39 -2.71 -23.54 38.52
CA ALA F 39 -3.89 -22.88 37.98
C ALA F 39 -3.47 -22.00 36.82
N THR F 40 -4.46 -21.60 36.02
CA THR F 40 -4.20 -20.73 34.88
C THR F 40 -3.65 -19.38 35.36
N LEU F 41 -2.77 -18.79 34.55
CA LEU F 41 -2.14 -17.54 34.93
C LEU F 41 -3.12 -16.37 34.98
N SER F 42 -4.30 -16.51 34.37
CA SER F 42 -5.29 -15.44 34.43
C SER F 42 -5.70 -15.16 35.88
N GLN F 43 -5.89 -16.21 36.67
CA GLN F 43 -6.24 -16.03 38.08
C GLN F 43 -5.12 -15.34 38.85
N ILE F 44 -3.87 -15.73 38.60
CA ILE F 44 -2.74 -15.19 39.35
C ILE F 44 -2.35 -13.79 38.92
N THR F 45 -2.87 -13.30 37.79
CA THR F 45 -2.53 -11.98 37.29
C THR F 45 -3.43 -10.88 37.83
N ASN F 46 -4.34 -11.21 38.76
CA ASN F 46 -5.21 -10.17 39.32
C ASN F 46 -4.43 -9.10 40.05
N ASN F 47 -3.18 -9.37 40.42
CA ASN F 47 -2.37 -8.37 41.10
C ASN F 47 -2.05 -7.18 40.19
N ILE F 48 -1.69 -7.45 38.93
CA ILE F 48 -1.30 -6.38 38.02
C ILE F 48 -2.54 -5.67 37.50
N ASP F 49 -2.43 -4.35 37.32
CA ASP F 49 -3.57 -3.56 36.88
C ASP F 49 -3.81 -3.73 35.39
N PRO F 50 -5.06 -3.81 34.95
CA PRO F 50 -5.34 -3.83 33.51
C PRO F 50 -4.86 -2.54 32.85
N VAL F 51 -4.43 -2.67 31.58
CA VAL F 51 -3.97 -1.51 30.85
C VAL F 51 -5.12 -0.56 30.51
N GLY F 52 -6.36 -1.05 30.55
CA GLY F 52 -7.50 -0.23 30.19
C GLY F 52 -7.63 -0.10 28.69
N ARG F 53 -8.64 0.67 28.28
CA ARG F 53 -8.89 0.90 26.86
C ARG F 53 -7.72 1.70 26.29
N ILE F 54 -6.91 1.05 25.44
CA ILE F 54 -5.73 1.67 24.86
C ILE F 54 -6.16 2.36 23.57
N GLN F 55 -6.30 3.67 23.62
CA GLN F 55 -6.64 4.46 22.45
C GLN F 55 -5.36 4.76 21.68
N MET F 56 -5.26 4.23 20.46
CA MET F 56 -4.09 4.44 19.61
C MET F 56 -4.54 5.22 18.38
N ARG F 57 -4.19 6.51 18.34
CA ARG F 57 -4.50 7.31 17.17
C ARG F 57 -3.59 6.92 16.01
N THR F 58 -4.16 6.93 14.81
CA THR F 58 -3.39 6.67 13.60
C THR F 58 -2.52 7.88 13.30
N ARG F 59 -1.41 7.98 14.05
CA ARG F 59 -0.56 9.17 13.99
C ARG F 59 -0.08 9.43 12.56
N ARG F 60 0.50 8.42 11.93
CA ARG F 60 0.84 8.48 10.52
C ARG F 60 0.00 7.43 9.82
N THR F 61 -0.65 7.80 8.72
CA THR F 61 -1.37 6.81 7.93
C THR F 61 -0.39 6.59 6.79
N LEU F 62 0.16 5.39 6.69
CA LEU F 62 1.17 5.11 5.66
C LEU F 62 0.48 4.71 4.37
N ARG F 63 -0.19 5.65 3.72
CA ARG F 63 -0.79 5.36 2.43
C ARG F 63 0.27 5.24 1.34
N GLY F 64 -0.04 4.44 0.32
CA GLY F 64 0.83 4.33 -0.83
C GLY F 64 0.94 2.92 -1.35
N HIS F 65 0.42 1.95 -0.61
CA HIS F 65 0.52 0.55 -0.98
C HIS F 65 -0.84 0.10 -1.51
N LEU F 66 -0.83 -0.63 -2.62
CA LEU F 66 -2.02 -0.79 -3.47
C LEU F 66 -2.54 -2.21 -3.50
N ALA F 67 -2.46 -2.93 -2.38
CA ALA F 67 -3.03 -4.25 -2.27
C ALA F 67 -3.01 -4.66 -0.79
N LYS F 68 -3.43 -5.89 -0.53
CA LYS F 68 -3.51 -6.40 0.83
C LYS F 68 -2.10 -6.55 1.42
N ILE F 69 -1.87 -5.97 2.58
CA ILE F 69 -0.55 -5.99 3.21
C ILE F 69 -0.39 -7.32 3.94
N TYR F 70 0.48 -8.20 3.41
CA TYR F 70 0.61 -9.54 3.96
C TYR F 70 1.63 -9.65 5.09
N ALA F 71 2.70 -8.86 5.05
CA ALA F 71 3.68 -8.87 6.14
C ALA F 71 4.42 -7.55 6.16
N MET F 72 4.45 -6.91 7.32
CA MET F 72 5.19 -5.68 7.55
C MET F 72 6.31 -5.98 8.52
N HIS F 73 7.53 -5.51 8.20
CA HIS F 73 8.66 -5.74 9.09
C HIS F 73 9.45 -4.45 9.27
N TRP F 74 10.06 -4.32 10.44
CA TRP F 74 10.81 -3.13 10.84
C TRP F 74 12.28 -3.48 11.03
N GLY F 75 13.15 -2.64 10.47
CA GLY F 75 14.57 -2.78 10.71
C GLY F 75 14.92 -2.47 12.14
N THR F 76 16.15 -2.82 12.51
CA THR F 76 16.61 -2.66 13.88
C THR F 76 16.59 -1.21 14.34
N ASP F 77 16.66 -0.25 13.42
CA ASP F 77 16.29 1.11 13.72
C ASP F 77 14.81 1.27 13.40
N SER F 78 14.04 1.77 14.36
CA SER F 78 12.59 1.84 14.21
C SER F 78 12.16 2.77 13.08
N ARG F 79 13.06 3.61 12.56
CA ARG F 79 12.68 4.55 11.52
C ARG F 79 12.18 3.83 10.27
N LEU F 80 12.92 2.82 9.83
CA LEU F 80 12.62 2.16 8.57
C LEU F 80 11.67 1.00 8.81
N LEU F 81 10.78 0.76 7.86
CA LEU F 81 10.00 -0.46 7.83
C LEU F 81 9.93 -0.94 6.39
N VAL F 82 9.66 -2.24 6.25
CA VAL F 82 9.43 -2.84 4.95
C VAL F 82 8.07 -3.53 4.98
N SER F 83 7.21 -3.18 4.05
CA SER F 83 5.86 -3.73 3.97
C SER F 83 5.70 -4.51 2.69
N ALA F 84 5.21 -5.74 2.80
CA ALA F 84 5.03 -6.62 1.65
C ALA F 84 3.54 -6.81 1.41
N SER F 85 3.14 -6.76 0.14
CA SER F 85 1.74 -6.97 -0.21
C SER F 85 1.52 -7.84 -1.45
N GLN F 86 0.26 -8.12 -1.77
CA GLN F 86 -0.06 -8.98 -2.91
C GLN F 86 0.25 -8.33 -4.26
N ASP F 87 0.68 -7.08 -4.25
CA ASP F 87 0.97 -6.36 -5.48
C ASP F 87 2.41 -6.58 -5.94
N GLY F 88 3.20 -7.34 -5.19
CA GLY F 88 4.59 -7.52 -5.53
C GLY F 88 5.42 -6.26 -5.40
N LYS F 89 5.22 -5.51 -4.32
CA LYS F 89 5.95 -4.27 -4.06
C LYS F 89 6.48 -4.34 -2.64
N LEU F 90 7.69 -4.84 -2.47
CA LEU F 90 8.41 -4.69 -1.21
C LEU F 90 8.90 -3.26 -1.16
N ILE F 91 8.28 -2.43 -0.32
CA ILE F 91 8.56 -1.01 -0.29
C ILE F 91 9.14 -0.66 1.07
N ILE F 92 10.39 -0.17 1.08
CA ILE F 92 10.99 0.33 2.30
C ILE F 92 10.41 1.70 2.58
N TRP F 93 9.96 1.91 3.82
CA TRP F 93 9.32 3.17 4.21
C TRP F 93 9.94 3.92 5.35
N ASP F 94 10.06 5.23 5.23
CA ASP F 94 10.48 6.05 6.36
C ASP F 94 9.21 6.38 7.13
N SER F 95 8.97 5.64 8.22
CA SER F 95 7.78 5.87 9.02
C SER F 95 7.80 7.23 9.69
N TYR F 96 8.96 7.90 9.71
CA TYR F 96 9.05 9.21 10.34
C TYR F 96 8.40 10.29 9.48
N THR F 97 8.61 10.27 8.18
CA THR F 97 8.09 11.29 7.28
C THR F 97 7.22 10.74 6.17
N THR F 98 6.77 9.49 6.27
CA THR F 98 5.93 8.86 5.26
C THR F 98 6.63 8.95 3.89
N ASN F 99 7.88 8.49 3.87
CA ASN F 99 8.76 8.58 2.72
C ASN F 99 9.16 7.18 2.28
N LYS F 100 9.30 7.02 0.98
CA LYS F 100 9.65 5.72 0.40
C LYS F 100 11.15 5.72 0.09
N VAL F 101 11.93 5.16 1.00
CA VAL F 101 13.38 5.10 0.82
C VAL F 101 13.73 4.28 -0.41
N HIS F 102 13.12 3.10 -0.55
CA HIS F 102 13.20 2.32 -1.77
C HIS F 102 11.83 1.70 -2.06
N ALA F 103 11.66 1.28 -3.32
CA ALA F 103 10.49 0.51 -3.74
C ALA F 103 11.01 -0.69 -4.51
N ILE F 104 11.28 -1.78 -3.81
CA ILE F 104 11.85 -2.98 -4.42
C ILE F 104 10.76 -3.74 -5.16
N PRO F 105 10.90 -3.96 -6.47
CA PRO F 105 10.03 -4.94 -7.13
C PRO F 105 10.37 -6.34 -6.67
N LEU F 106 9.34 -7.20 -6.60
CA LEU F 106 9.49 -8.56 -6.13
C LEU F 106 9.35 -9.52 -7.29
N ARG F 107 10.18 -10.57 -7.29
CA ARG F 107 10.04 -11.62 -8.29
C ARG F 107 8.70 -12.34 -8.14
N SER F 108 8.33 -12.67 -6.91
CA SER F 108 7.06 -13.32 -6.61
C SER F 108 6.16 -12.32 -5.90
N SER F 109 4.98 -12.08 -6.48
CA SER F 109 4.05 -11.11 -5.94
C SER F 109 3.13 -11.70 -4.87
N TRP F 110 3.28 -12.98 -4.54
CA TRP F 110 2.43 -13.67 -3.58
C TRP F 110 3.09 -13.78 -2.21
N VAL F 111 3.90 -12.78 -1.87
CA VAL F 111 4.66 -12.80 -0.63
C VAL F 111 3.71 -12.84 0.56
N MET F 112 3.93 -13.76 1.48
CA MET F 112 3.26 -13.76 2.77
C MET F 112 4.19 -13.45 3.93
N THR F 113 5.45 -13.13 3.66
CA THR F 113 6.39 -12.82 4.73
C THR F 113 7.53 -11.97 4.19
N CYS F 114 7.95 -11.00 4.99
CA CYS F 114 9.10 -10.15 4.66
C CYS F 114 9.99 -10.06 5.89
N ALA F 115 11.27 -9.77 5.65
CA ALA F 115 12.23 -9.73 6.74
C ALA F 115 13.23 -8.59 6.53
N TYR F 116 13.50 -7.86 7.61
CA TYR F 116 14.56 -6.87 7.64
C TYR F 116 15.74 -7.47 8.39
N ALA F 117 16.90 -7.53 7.73
CA ALA F 117 18.07 -8.13 8.35
C ALA F 117 18.51 -7.29 9.55
N PRO F 118 19.04 -7.95 10.59
CA PRO F 118 19.55 -7.19 11.75
C PRO F 118 20.65 -6.20 11.41
N SER F 119 21.45 -6.46 10.38
CA SER F 119 22.39 -5.44 9.93
C SER F 119 21.67 -4.29 9.26
N GLY F 120 20.52 -4.55 8.62
CA GLY F 120 19.82 -3.57 7.86
C GLY F 120 20.20 -3.53 6.39
N ASN F 121 21.31 -4.16 6.02
CA ASN F 121 21.75 -4.18 4.63
C ASN F 121 20.88 -5.07 3.76
N TYR F 122 20.17 -6.03 4.35
CA TYR F 122 19.48 -7.06 3.59
C TYR F 122 18.01 -7.12 3.94
N VAL F 123 17.19 -7.38 2.94
CA VAL F 123 15.75 -7.58 3.11
C VAL F 123 15.38 -8.83 2.31
N ALA F 124 14.51 -9.67 2.86
CA ALA F 124 14.07 -10.87 2.19
C ALA F 124 12.55 -10.98 2.19
N CYS F 125 12.05 -11.67 1.19
CA CYS F 125 10.62 -11.93 1.02
C CYS F 125 10.42 -13.37 0.59
N GLY F 126 9.40 -14.01 1.15
CA GLY F 126 9.08 -15.38 0.79
C GLY F 126 7.58 -15.58 0.69
N GLY F 127 7.19 -16.65 0.01
CA GLY F 127 5.79 -16.91 -0.22
C GLY F 127 5.50 -18.19 -0.99
N LEU F 128 4.58 -18.10 -1.96
CA LEU F 128 4.12 -19.29 -2.67
C LEU F 128 5.22 -19.97 -3.46
N ASP F 129 6.13 -19.20 -4.06
CA ASP F 129 7.12 -19.82 -4.94
C ASP F 129 8.15 -20.65 -4.17
N ASN F 130 8.11 -20.60 -2.83
CA ASN F 130 8.96 -21.42 -1.95
C ASN F 130 10.43 -21.04 -2.01
N ILE F 131 10.74 -19.82 -2.45
CA ILE F 131 12.10 -19.31 -2.45
C ILE F 131 12.12 -18.01 -1.66
N CYS F 132 13.07 -17.88 -0.74
CA CYS F 132 13.19 -16.68 0.08
C CYS F 132 14.31 -15.81 -0.49
N SER F 133 13.96 -15.06 -1.54
CA SER F 133 14.92 -14.17 -2.17
C SER F 133 15.36 -13.09 -1.19
N ILE F 134 16.65 -12.76 -1.23
CA ILE F 134 17.27 -11.81 -0.30
C ILE F 134 17.87 -10.67 -1.10
N TYR F 135 17.58 -9.44 -0.69
CA TYR F 135 17.94 -8.25 -1.45
C TYR F 135 19.03 -7.45 -0.75
N ASN F 136 19.90 -6.86 -1.56
CA ASN F 136 21.01 -6.03 -1.10
C ASN F 136 20.55 -4.58 -1.07
N LEU F 137 20.42 -4.00 0.14
CA LEU F 137 19.94 -2.63 0.26
C LEU F 137 21.07 -1.62 0.04
N LYS F 138 22.08 -1.66 0.89
CA LYS F 138 23.15 -0.66 0.87
C LYS F 138 24.28 -1.16 -0.02
N THR F 139 24.10 -0.97 -1.32
CA THR F 139 25.09 -1.35 -2.32
C THR F 139 25.98 -0.16 -2.65
N ARG F 140 27.12 -0.47 -3.30
CA ARG F 140 27.99 0.58 -3.80
C ARG F 140 27.29 1.42 -4.86
N GLU F 141 26.49 0.77 -5.72
CA GLU F 141 25.74 1.46 -6.74
C GLU F 141 24.50 2.11 -6.09
N GLY F 142 23.56 2.56 -6.91
CA GLY F 142 22.41 3.25 -6.37
C GLY F 142 21.22 2.38 -6.07
N ASN F 143 21.01 1.33 -6.86
CA ASN F 143 19.81 0.52 -6.73
C ASN F 143 19.97 -0.55 -5.66
N VAL F 144 18.89 -1.28 -5.44
CA VAL F 144 18.83 -2.37 -4.47
C VAL F 144 18.65 -3.67 -5.25
N ARG F 145 19.58 -4.60 -5.07
CA ARG F 145 19.63 -5.80 -5.89
C ARG F 145 19.48 -7.04 -5.02
N VAL F 146 19.00 -8.12 -5.65
CA VAL F 146 18.83 -9.38 -4.94
C VAL F 146 20.18 -10.05 -4.75
N SER F 147 20.40 -10.59 -3.55
CA SER F 147 21.68 -11.24 -3.26
C SER F 147 21.67 -12.70 -3.71
N ARG F 148 20.77 -13.50 -3.16
CA ARG F 148 20.67 -14.91 -3.54
C ARG F 148 19.31 -15.45 -3.15
N GLU F 149 18.66 -16.15 -4.08
CA GLU F 149 17.43 -16.86 -3.78
C GLU F 149 17.74 -18.17 -3.05
N LEU F 150 16.72 -18.72 -2.39
CA LEU F 150 16.87 -19.90 -1.56
C LEU F 150 15.84 -20.95 -1.97
N ALA F 151 16.19 -21.76 -2.97
CA ALA F 151 15.34 -22.83 -3.45
C ALA F 151 15.70 -24.14 -2.76
N GLY F 152 14.70 -25.01 -2.61
CA GLY F 152 14.88 -26.25 -1.89
C GLY F 152 13.66 -26.65 -1.09
N HIS F 153 12.68 -25.77 -1.04
CA HIS F 153 11.43 -26.02 -0.32
C HIS F 153 10.37 -26.48 -1.33
N THR F 154 9.77 -27.63 -1.07
CA THR F 154 8.75 -28.19 -1.95
C THR F 154 7.33 -27.82 -1.54
N GLY F 155 7.15 -27.11 -0.44
CA GLY F 155 5.89 -26.53 -0.04
C GLY F 155 5.79 -25.08 -0.47
N TYR F 156 5.05 -24.30 0.29
CA TYR F 156 4.95 -22.87 0.07
C TYR F 156 5.58 -22.15 1.25
N LEU F 157 6.53 -21.27 0.97
CA LEU F 157 7.25 -20.56 2.01
C LEU F 157 6.29 -19.65 2.79
N SER F 158 6.46 -19.59 4.11
CA SER F 158 5.50 -18.91 4.97
C SER F 158 6.11 -17.85 5.86
N CYS F 159 7.36 -17.99 6.30
CA CYS F 159 7.97 -17.01 7.19
C CYS F 159 9.48 -17.09 7.10
N CYS F 160 10.11 -16.10 6.48
CA CYS F 160 11.54 -15.89 6.59
C CYS F 160 11.84 -14.93 7.73
N ARG F 161 12.85 -15.25 8.54
CA ARG F 161 13.37 -14.36 9.55
C ARG F 161 14.88 -14.51 9.59
N PHE F 162 15.60 -13.42 9.35
CA PHE F 162 17.06 -13.47 9.36
C PHE F 162 17.58 -13.78 10.75
N LEU F 163 18.59 -14.64 10.83
CA LEU F 163 19.32 -14.84 12.07
C LEU F 163 20.52 -13.90 12.15
N ASP F 164 21.37 -13.93 11.13
CA ASP F 164 22.43 -12.96 10.93
C ASP F 164 22.43 -12.58 9.46
N ASP F 165 23.48 -11.88 9.01
CA ASP F 165 23.55 -11.49 7.61
C ASP F 165 23.63 -12.69 6.68
N ASN F 166 24.13 -13.82 7.15
CA ASN F 166 24.37 -14.99 6.30
C ASN F 166 23.68 -16.23 6.85
N GLN F 167 22.45 -16.09 7.35
CA GLN F 167 21.67 -17.25 7.79
C GLN F 167 20.19 -16.89 7.75
N ILE F 168 19.45 -17.51 6.84
CA ILE F 168 18.02 -17.24 6.66
C ILE F 168 17.23 -18.46 7.10
N VAL F 169 16.28 -18.25 8.01
CA VAL F 169 15.41 -19.30 8.52
C VAL F 169 14.09 -19.24 7.75
N THR F 170 13.61 -20.38 7.28
CA THR F 170 12.43 -20.43 6.42
C THR F 170 11.56 -21.62 6.79
N SER F 171 10.29 -21.35 7.09
CA SER F 171 9.28 -22.39 7.31
C SER F 171 8.29 -22.37 6.16
N SER F 172 7.99 -23.55 5.61
CA SER F 172 7.22 -23.67 4.39
C SER F 172 5.93 -24.44 4.62
N GLY F 173 5.24 -24.77 3.53
CA GLY F 173 4.03 -25.56 3.55
C GLY F 173 4.21 -27.04 3.33
N ASP F 174 5.47 -27.47 3.22
CA ASP F 174 5.79 -28.90 3.07
C ASP F 174 6.05 -29.51 4.42
N THR F 175 5.37 -29.01 5.44
CA THR F 175 5.51 -29.57 6.79
C THR F 175 6.95 -29.64 7.32
N THR F 176 7.83 -28.75 6.86
CA THR F 176 9.22 -28.75 7.32
C THR F 176 9.73 -27.32 7.33
N CYS F 177 10.86 -27.14 8.03
CA CYS F 177 11.53 -25.85 8.10
C CYS F 177 13.03 -26.08 7.99
N ALA F 178 13.77 -25.03 7.65
CA ALA F 178 15.17 -25.22 7.31
C ALA F 178 15.98 -23.96 7.57
N LEU F 179 17.22 -24.16 8.01
CA LEU F 179 18.23 -23.11 8.09
C LEU F 179 19.09 -23.11 6.83
N TRP F 180 19.49 -21.90 6.40
CA TRP F 180 20.20 -21.73 5.14
C TRP F 180 21.46 -20.90 5.37
N ASP F 181 22.38 -21.00 4.40
CA ASP F 181 23.59 -20.19 4.40
C ASP F 181 23.53 -19.55 3.03
N ILE F 182 23.37 -18.24 2.95
CA ILE F 182 23.22 -17.54 1.69
C ILE F 182 24.54 -17.33 0.96
N GLU F 183 25.67 -17.58 1.61
CA GLU F 183 26.94 -17.54 0.90
C GLU F 183 26.97 -18.59 -0.21
N THR F 184 26.46 -19.79 0.07
CA THR F 184 26.45 -20.90 -0.87
C THR F 184 25.09 -21.14 -1.51
N GLY F 185 24.01 -21.00 -0.73
CA GLY F 185 22.67 -21.23 -1.23
C GLY F 185 22.08 -22.58 -0.90
N GLN F 186 22.65 -23.31 0.05
CA GLN F 186 22.18 -24.64 0.41
C GLN F 186 21.86 -24.71 1.89
N GLN F 187 20.87 -25.53 2.23
CA GLN F 187 20.40 -25.60 3.61
C GLN F 187 21.42 -26.32 4.48
N THR F 188 21.83 -25.65 5.55
CA THR F 188 22.76 -26.28 6.49
C THR F 188 22.06 -27.36 7.31
N THR F 189 20.83 -27.12 7.74
CA THR F 189 20.04 -28.07 8.52
C THR F 189 18.66 -28.18 7.88
N THR F 190 17.83 -29.04 8.48
CA THR F 190 16.43 -29.15 8.08
C THR F 190 15.62 -29.65 9.29
N PHE F 191 14.39 -29.17 9.39
CA PHE F 191 13.54 -29.38 10.56
C PHE F 191 12.22 -29.98 10.10
N THR F 192 12.14 -31.30 10.00
CA THR F 192 10.93 -31.99 9.56
C THR F 192 10.34 -32.74 10.74
N GLY F 193 9.31 -32.16 11.36
CA GLY F 193 8.60 -32.81 12.44
C GLY F 193 7.11 -32.54 12.40
N HIS F 194 6.66 -31.80 11.40
CA HIS F 194 5.27 -31.35 11.31
C HIS F 194 4.49 -32.23 10.33
N THR F 195 3.17 -32.23 10.51
CA THR F 195 2.26 -32.98 9.66
C THR F 195 1.47 -32.12 8.69
N GLY F 196 1.14 -30.89 9.09
CA GLY F 196 0.46 -29.94 8.23
C GLY F 196 1.37 -28.80 7.83
N ASP F 197 0.88 -27.98 6.91
CA ASP F 197 1.66 -26.85 6.40
C ASP F 197 2.03 -25.91 7.54
N VAL F 198 3.30 -25.54 7.60
CA VAL F 198 3.80 -24.62 8.63
C VAL F 198 3.50 -23.19 8.20
N MET F 199 2.92 -22.41 9.10
CA MET F 199 2.42 -21.09 8.77
C MET F 199 3.29 -19.95 9.29
N SER F 200 3.67 -19.95 10.56
CA SER F 200 4.38 -18.83 11.13
C SER F 200 5.62 -19.31 11.89
N LEU F 201 6.78 -18.82 11.46
CA LEU F 201 8.04 -19.06 12.15
C LEU F 201 8.52 -17.76 12.77
N SER F 202 8.84 -17.80 14.06
CA SER F 202 9.30 -16.64 14.79
C SER F 202 10.68 -16.91 15.36
N LEU F 203 11.62 -16.01 15.10
CA LEU F 203 12.99 -16.16 15.58
C LEU F 203 13.16 -15.45 16.92
N ALA F 204 13.95 -16.06 17.80
CA ALA F 204 14.16 -15.55 19.13
C ALA F 204 15.09 -14.34 19.10
N PRO F 205 15.11 -13.54 20.18
CA PRO F 205 16.10 -12.46 20.26
C PRO F 205 17.54 -12.95 20.14
N ASP F 206 17.86 -14.11 20.70
CA ASP F 206 19.20 -14.67 20.55
C ASP F 206 19.35 -15.51 19.29
N THR F 207 18.26 -15.80 18.59
CA THR F 207 18.23 -16.57 17.35
C THR F 207 18.86 -17.95 17.48
N ARG F 208 19.10 -18.41 18.71
CA ARG F 208 19.59 -19.77 18.91
C ARG F 208 18.47 -20.80 18.89
N LEU F 209 17.22 -20.36 18.98
CA LEU F 209 16.05 -21.22 18.90
C LEU F 209 14.96 -20.46 18.18
N PHE F 210 14.01 -21.18 17.61
CA PHE F 210 12.88 -20.54 16.96
C PHE F 210 11.71 -21.49 16.91
N VAL F 211 10.52 -20.93 16.74
CA VAL F 211 9.26 -21.65 16.83
C VAL F 211 8.50 -21.47 15.52
N SER F 212 8.02 -22.56 14.95
CA SER F 212 7.23 -22.55 13.73
C SER F 212 5.90 -23.26 13.99
N GLY F 213 4.82 -22.65 13.52
CA GLY F 213 3.47 -23.17 13.75
C GLY F 213 2.90 -23.75 12.47
N ALA F 214 2.24 -24.91 12.61
CA ALA F 214 1.73 -25.65 11.47
C ALA F 214 0.21 -25.74 11.52
N CYS F 215 -0.36 -26.15 10.38
CA CYS F 215 -1.81 -26.25 10.23
C CYS F 215 -2.44 -27.31 11.13
N ASP F 216 -1.65 -28.22 11.69
CA ASP F 216 -2.16 -29.30 12.52
C ASP F 216 -2.33 -28.87 13.98
N ALA F 217 -2.46 -27.57 14.24
CA ALA F 217 -2.61 -27.03 15.59
C ALA F 217 -1.44 -27.41 16.49
N SER F 218 -0.28 -27.67 15.88
CA SER F 218 0.93 -28.02 16.60
C SER F 218 2.00 -26.97 16.35
N ALA F 219 2.58 -26.46 17.43
CA ALA F 219 3.70 -25.54 17.36
C ALA F 219 4.93 -26.22 17.94
N LYS F 220 6.03 -26.19 17.21
CA LYS F 220 7.21 -26.96 17.57
C LYS F 220 8.42 -26.05 17.66
N LEU F 221 9.00 -25.98 18.86
CA LEU F 221 10.29 -25.32 19.05
C LEU F 221 11.39 -26.16 18.41
N TRP F 222 12.42 -25.47 17.90
CA TRP F 222 13.54 -26.15 17.26
C TRP F 222 14.85 -25.56 17.77
N ASP F 223 15.92 -26.32 17.59
CA ASP F 223 17.28 -25.86 17.86
C ASP F 223 17.97 -25.59 16.54
N VAL F 224 18.49 -24.38 16.37
CA VAL F 224 18.99 -23.94 15.07
C VAL F 224 20.23 -24.73 14.67
N ARG F 225 21.09 -25.07 15.64
CA ARG F 225 22.41 -25.59 15.32
C ARG F 225 22.37 -27.04 14.83
N GLU F 226 21.42 -27.84 15.31
CA GLU F 226 21.38 -29.26 14.97
C GLU F 226 20.28 -29.59 13.96
N GLY F 227 19.04 -29.25 14.24
CA GLY F 227 17.92 -29.64 13.43
C GLY F 227 16.95 -30.62 14.07
N MET F 228 16.95 -30.74 15.40
CA MET F 228 16.11 -31.68 16.11
C MET F 228 15.06 -30.92 16.90
N CYS F 229 13.82 -31.40 16.85
CA CYS F 229 12.70 -30.70 17.47
C CYS F 229 12.84 -30.62 18.98
N ARG F 230 13.19 -29.45 19.50
CA ARG F 230 13.41 -29.32 20.94
C ARG F 230 12.13 -29.59 21.72
N GLN F 231 10.99 -29.14 21.20
CA GLN F 231 9.72 -29.30 21.89
C GLN F 231 8.59 -29.31 20.88
N THR F 232 7.41 -29.74 21.34
CA THR F 232 6.18 -29.65 20.56
C THR F 232 5.08 -29.11 21.47
N PHE F 233 4.10 -28.45 20.85
CA PHE F 233 3.01 -27.82 21.60
C PHE F 233 1.69 -28.10 20.89
N THR F 234 0.66 -28.35 21.70
CA THR F 234 -0.70 -28.54 21.20
C THR F 234 -1.66 -27.80 22.11
N GLY F 235 -2.94 -27.82 21.72
CA GLY F 235 -3.96 -27.12 22.46
C GLY F 235 -4.96 -26.42 21.56
N HIS F 236 -4.51 -26.01 20.38
CA HIS F 236 -5.40 -25.38 19.42
C HIS F 236 -6.31 -26.43 18.77
N GLU F 237 -7.45 -25.96 18.28
CA GLU F 237 -8.43 -26.83 17.65
C GLU F 237 -8.48 -26.69 16.13
N SER F 238 -7.70 -25.77 15.56
CA SER F 238 -7.67 -25.60 14.11
C SER F 238 -6.28 -25.10 13.71
N ASP F 239 -6.17 -24.60 12.48
CA ASP F 239 -4.87 -24.27 11.91
C ASP F 239 -4.31 -23.02 12.58
N ILE F 240 -3.04 -23.09 12.98
CA ILE F 240 -2.36 -21.94 13.56
C ILE F 240 -1.92 -21.01 12.44
N ASN F 241 -2.19 -19.71 12.60
CA ASN F 241 -1.93 -18.73 11.56
C ASN F 241 -0.89 -17.69 11.94
N ALA F 242 -0.49 -17.60 13.20
CA ALA F 242 0.43 -16.56 13.62
C ALA F 242 1.20 -17.00 14.87
N ILE F 243 2.51 -16.78 14.84
CA ILE F 243 3.38 -17.01 15.98
C ILE F 243 4.39 -15.88 16.01
N CYS F 244 4.66 -15.34 17.20
CA CYS F 244 5.73 -14.36 17.35
C CYS F 244 6.28 -14.46 18.77
N PHE F 245 7.59 -14.60 18.88
CA PHE F 245 8.24 -14.77 20.18
C PHE F 245 8.02 -13.67 21.17
N PHE F 246 8.13 -14.03 22.44
CA PHE F 246 8.03 -13.01 23.46
C PHE F 246 9.37 -12.24 23.47
N PRO F 247 9.37 -10.89 23.77
CA PRO F 247 10.69 -10.24 23.90
C PRO F 247 11.65 -10.99 24.80
N ASN F 248 11.16 -11.67 25.84
CA ASN F 248 12.06 -12.42 26.70
C ASN F 248 12.64 -13.65 26.00
N GLY F 249 12.06 -14.05 24.86
CA GLY F 249 12.62 -15.11 24.05
C GLY F 249 12.30 -16.52 24.49
N ASN F 250 11.49 -16.69 25.52
CA ASN F 250 11.15 -18.01 26.05
C ASN F 250 9.65 -18.22 26.03
N ALA F 251 8.99 -17.81 24.96
CA ALA F 251 7.54 -17.91 24.86
C ALA F 251 7.14 -17.65 23.41
N PHE F 252 5.83 -17.68 23.15
CA PHE F 252 5.23 -17.23 21.91
C PHE F 252 3.72 -17.32 22.08
N ALA F 253 2.99 -16.83 21.08
CA ALA F 253 1.54 -16.87 21.07
C ALA F 253 1.05 -17.35 19.72
N THR F 254 -0.05 -18.10 19.71
CA THR F 254 -0.53 -18.79 18.52
C THR F 254 -1.98 -18.38 18.24
N GLY F 255 -2.17 -17.54 17.22
CA GLY F 255 -3.50 -17.17 16.79
C GLY F 255 -3.94 -18.05 15.64
N SER F 256 -4.99 -18.84 15.89
CA SER F 256 -5.45 -19.85 14.94
C SER F 256 -6.81 -19.47 14.37
N ASP F 257 -7.17 -20.18 13.29
CA ASP F 257 -8.43 -19.92 12.59
C ASP F 257 -9.65 -20.34 13.40
N ASP F 258 -9.46 -20.92 14.58
CA ASP F 258 -10.56 -21.24 15.48
C ASP F 258 -11.02 -20.01 16.26
N ALA F 259 -10.51 -18.82 15.90
CA ALA F 259 -10.91 -17.55 16.50
C ALA F 259 -10.40 -17.40 17.92
N THR F 260 -9.23 -17.97 18.19
CA THR F 260 -8.56 -17.75 19.46
C THR F 260 -7.06 -17.68 19.26
N CYS F 261 -6.38 -17.18 20.28
CA CYS F 261 -4.92 -17.20 20.33
C CYS F 261 -4.49 -17.83 21.63
N ARG F 262 -3.38 -18.56 21.59
CA ARG F 262 -2.92 -19.32 22.74
C ARG F 262 -1.47 -18.98 23.04
N LEU F 263 -1.18 -18.78 24.33
CA LEU F 263 0.16 -18.44 24.79
C LEU F 263 0.82 -19.69 25.34
N PHE F 264 2.07 -19.92 24.95
CA PHE F 264 2.82 -21.12 25.29
C PHE F 264 4.06 -20.75 26.09
N ASP F 265 4.79 -21.78 26.53
CA ASP F 265 6.03 -21.59 27.26
C ASP F 265 7.00 -22.71 26.92
N LEU F 266 8.28 -22.36 26.81
CA LEU F 266 9.30 -23.35 26.48
C LEU F 266 9.60 -24.26 27.67
N ARG F 267 9.71 -23.68 28.87
CA ARG F 267 10.06 -24.47 30.05
C ARG F 267 8.86 -25.22 30.65
N ALA F 268 7.63 -24.84 30.29
CA ALA F 268 6.44 -25.52 30.78
C ALA F 268 5.86 -26.52 29.79
N ASP F 269 6.10 -26.30 28.49
CA ASP F 269 5.67 -27.23 27.45
C ASP F 269 4.16 -27.44 27.47
N GLN F 270 3.41 -26.36 27.70
CA GLN F 270 1.95 -26.45 27.72
C GLN F 270 1.36 -25.08 27.45
N GLU F 271 0.12 -25.07 27.01
CA GLU F 271 -0.60 -23.82 26.77
C GLU F 271 -0.92 -23.12 28.07
N LEU F 272 -0.88 -21.79 28.04
CA LEU F 272 -1.07 -20.98 29.25
C LEU F 272 -2.33 -20.14 29.22
N MET F 273 -2.52 -19.33 28.19
CA MET F 273 -3.70 -18.46 28.10
C MET F 273 -4.43 -18.70 26.78
N THR F 274 -5.66 -18.21 26.72
CA THR F 274 -6.43 -18.27 25.48
C THR F 274 -6.97 -16.85 25.23
N TYR F 275 -6.94 -16.39 23.99
CA TYR F 275 -7.37 -15.02 23.67
C TYR F 275 -8.61 -15.04 22.80
N SER F 276 -9.74 -15.45 23.37
CA SER F 276 -10.99 -15.52 22.66
C SER F 276 -12.09 -14.89 23.51
N HIS F 277 -13.18 -14.53 22.86
CA HIS F 277 -14.35 -14.00 23.52
C HIS F 277 -15.59 -14.52 22.81
N ASP F 278 -16.73 -14.44 23.49
CA ASP F 278 -17.97 -14.99 22.94
C ASP F 278 -18.35 -14.27 21.65
N ASN F 279 -18.16 -12.96 21.60
CA ASN F 279 -18.63 -12.15 20.47
C ASN F 279 -17.71 -12.20 19.26
N ILE F 280 -16.55 -12.84 19.35
CA ILE F 280 -15.61 -12.92 18.23
C ILE F 280 -15.57 -14.36 17.72
N ILE F 281 -15.83 -14.51 16.42
CA ILE F 281 -15.77 -15.82 15.77
C ILE F 281 -14.86 -15.71 14.57
N CYS F 282 -13.97 -14.72 14.57
CA CYS F 282 -13.09 -14.45 13.45
C CYS F 282 -11.68 -14.97 13.73
N GLY F 283 -11.08 -15.58 12.72
CA GLY F 283 -9.75 -16.12 12.87
C GLY F 283 -8.66 -15.06 12.76
N ILE F 284 -7.60 -15.28 13.53
CA ILE F 284 -6.46 -14.37 13.60
C ILE F 284 -5.59 -14.55 12.37
N THR F 285 -5.13 -13.42 11.81
CA THR F 285 -4.23 -13.47 10.66
C THR F 285 -2.81 -13.01 10.97
N SER F 286 -2.58 -12.39 12.13
CA SER F 286 -1.22 -12.08 12.55
C SER F 286 -1.19 -11.82 14.05
N VAL F 287 0.01 -11.86 14.61
CA VAL F 287 0.25 -11.62 16.03
C VAL F 287 1.56 -10.87 16.18
N SER F 288 1.62 -9.97 17.15
CA SER F 288 2.86 -9.29 17.51
C SER F 288 2.79 -8.91 18.99
N PHE F 289 3.96 -8.60 19.55
CA PHE F 289 4.07 -8.20 20.94
C PHE F 289 4.69 -6.81 21.02
N SER F 290 4.40 -6.11 22.11
CA SER F 290 5.05 -4.83 22.36
C SER F 290 6.42 -5.07 23.00
N LYS F 291 7.09 -3.97 23.36
CA LYS F 291 8.44 -4.08 23.91
C LYS F 291 8.44 -4.83 25.23
N SER F 292 7.46 -4.54 26.09
CA SER F 292 7.34 -5.25 27.36
C SER F 292 6.52 -6.53 27.25
N GLY F 293 5.92 -6.78 26.08
CA GLY F 293 5.04 -7.92 25.92
C GLY F 293 3.67 -7.75 26.54
N ARG F 294 3.40 -6.60 27.17
CA ARG F 294 2.13 -6.43 27.86
C ARG F 294 0.97 -6.33 26.89
N LEU F 295 1.20 -5.84 25.67
CA LEU F 295 0.20 -5.79 24.64
C LEU F 295 0.52 -6.84 23.58
N LEU F 296 -0.43 -7.72 23.30
CA LEU F 296 -0.27 -8.73 22.26
C LEU F 296 -1.20 -8.34 21.12
N LEU F 297 -0.72 -7.44 20.28
CA LEU F 297 -1.53 -6.92 19.19
C LEU F 297 -1.68 -8.00 18.12
N ALA F 298 -2.92 -8.39 17.84
CA ALA F 298 -3.21 -9.46 16.91
C ALA F 298 -4.26 -9.00 15.93
N GLY F 299 -4.00 -9.22 14.64
CA GLY F 299 -4.90 -8.74 13.62
C GLY F 299 -5.96 -9.74 13.24
N TYR F 300 -7.14 -9.59 13.83
CA TYR F 300 -8.25 -10.48 13.53
C TYR F 300 -8.77 -10.22 12.12
N ASP F 301 -9.47 -11.20 11.59
CA ASP F 301 -10.23 -11.00 10.36
C ASP F 301 -11.58 -10.36 10.65
N ASP F 302 -11.78 -9.85 11.86
CA ASP F 302 -12.97 -9.10 12.24
C ASP F 302 -12.84 -7.64 11.82
N PHE F 303 -11.83 -7.32 11.02
CA PHE F 303 -11.63 -6.00 10.42
C PHE F 303 -11.15 -5.01 11.48
N ASN F 304 -10.49 -5.51 12.51
CA ASN F 304 -10.07 -4.67 13.63
C ASN F 304 -8.94 -5.37 14.37
N CYS F 305 -7.77 -4.74 14.39
CA CYS F 305 -6.58 -5.33 15.02
C CYS F 305 -6.76 -5.26 16.53
N ASN F 306 -7.61 -6.14 17.03
CA ASN F 306 -7.95 -6.14 18.45
C ASN F 306 -6.68 -6.32 19.27
N VAL F 307 -6.29 -5.26 19.98
CA VAL F 307 -5.13 -5.31 20.88
C VAL F 307 -5.53 -6.14 22.09
N TRP F 308 -4.96 -7.33 22.21
CA TRP F 308 -5.29 -8.25 23.28
C TRP F 308 -4.22 -8.13 24.38
N ASP F 309 -4.66 -7.76 25.58
CA ASP F 309 -3.73 -7.70 26.70
C ASP F 309 -3.20 -9.09 26.98
N ALA F 310 -1.93 -9.31 26.66
CA ALA F 310 -1.37 -10.66 26.75
C ALA F 310 -1.37 -11.18 28.17
N LEU F 311 -0.96 -10.35 29.13
CA LEU F 311 -0.89 -10.79 30.52
C LEU F 311 -2.26 -10.93 31.16
N LYS F 312 -3.32 -10.44 30.52
CA LYS F 312 -4.65 -10.51 31.09
C LYS F 312 -5.64 -11.32 30.27
N ALA F 313 -5.34 -11.59 29.00
CA ALA F 313 -6.24 -12.32 28.12
C ALA F 313 -7.63 -11.70 28.09
N ASP F 314 -7.69 -10.38 28.25
CA ASP F 314 -8.92 -9.62 28.18
C ASP F 314 -8.73 -8.51 27.16
N ARG F 315 -9.69 -8.36 26.25
CA ARG F 315 -9.55 -7.36 25.20
C ARG F 315 -9.54 -5.98 25.83
N ALA F 316 -8.36 -5.36 25.87
CA ALA F 316 -8.19 -4.07 26.50
C ALA F 316 -7.73 -3.06 25.45
N GLY F 317 -8.39 -3.10 24.30
CA GLY F 317 -8.11 -2.16 23.24
C GLY F 317 -8.43 -2.71 21.87
N VAL F 318 -8.94 -1.84 21.00
CA VAL F 318 -9.12 -2.17 19.59
C VAL F 318 -8.49 -1.04 18.77
N LEU F 319 -7.92 -1.42 17.63
CA LEU F 319 -7.40 -0.44 16.69
C LEU F 319 -8.20 -0.53 15.41
N ALA F 320 -9.52 -0.59 15.55
CA ALA F 320 -10.42 -0.67 14.40
C ALA F 320 -10.29 0.62 13.60
N GLY F 321 -9.56 0.56 12.51
CA GLY F 321 -9.43 1.69 11.61
C GLY F 321 -9.33 1.24 10.18
N HIS F 322 -9.53 -0.04 9.95
CA HIS F 322 -9.29 -0.66 8.65
C HIS F 322 -10.59 -1.15 8.03
N ASP F 323 -10.72 -0.95 6.72
CA ASP F 323 -11.92 -1.36 6.01
C ASP F 323 -11.96 -2.87 5.79
N ASN F 324 -10.83 -3.54 5.90
CA ASN F 324 -10.72 -4.97 5.67
C ASN F 324 -10.04 -5.64 6.87
N ARG F 325 -9.71 -6.92 6.71
CA ARG F 325 -9.13 -7.68 7.80
C ARG F 325 -7.70 -7.25 8.05
N VAL F 326 -7.32 -7.18 9.32
CA VAL F 326 -5.98 -6.77 9.71
C VAL F 326 -5.05 -7.94 9.46
N SER F 327 -4.38 -7.92 8.32
CA SER F 327 -3.61 -9.08 7.85
C SER F 327 -2.33 -9.26 8.63
N CYS F 328 -1.51 -8.21 8.71
CA CYS F 328 -0.22 -8.29 9.38
C CYS F 328 -0.03 -7.03 10.22
N LEU F 329 0.78 -7.17 11.27
CA LEU F 329 1.12 -6.03 12.09
C LEU F 329 2.30 -6.43 12.98
N GLY F 330 3.11 -5.44 13.31
CA GLY F 330 4.24 -5.66 14.20
C GLY F 330 4.77 -4.37 14.77
N VAL F 331 5.13 -4.38 16.05
CA VAL F 331 5.74 -3.21 16.66
C VAL F 331 7.12 -3.02 16.06
N THR F 332 7.71 -1.86 16.27
CA THR F 332 9.06 -1.59 15.79
C THR F 332 10.07 -2.15 16.78
N ASP F 333 11.35 -1.86 16.54
CA ASP F 333 12.39 -2.21 17.50
C ASP F 333 12.15 -1.50 18.83
N ASP F 334 11.90 -0.20 18.77
CA ASP F 334 11.60 0.56 19.98
C ASP F 334 10.13 0.45 20.37
N GLY F 335 9.28 -0.07 19.48
CA GLY F 335 7.87 -0.15 19.76
C GLY F 335 7.14 1.15 19.68
N MET F 336 7.78 2.22 19.19
CA MET F 336 7.14 3.52 19.11
C MET F 336 5.97 3.51 18.13
N ALA F 337 5.94 2.55 17.22
CA ALA F 337 4.91 2.46 16.21
C ALA F 337 4.43 1.02 16.10
N VAL F 338 3.19 0.87 15.65
CA VAL F 338 2.63 -0.41 15.26
C VAL F 338 1.91 -0.21 13.95
N ALA F 339 2.26 -0.99 12.94
CA ALA F 339 1.80 -0.70 11.58
C ALA F 339 0.88 -1.85 11.22
N THR F 340 -0.42 -1.64 11.44
CA THR F 340 -1.41 -2.68 11.19
C THR F 340 -1.78 -2.49 9.73
N GLY F 341 -0.87 -2.92 8.85
CA GLY F 341 -1.13 -2.85 7.43
C GLY F 341 -2.03 -4.02 7.22
N SER F 342 -3.23 -3.76 6.77
CA SER F 342 -4.17 -4.84 6.68
C SER F 342 -4.44 -5.30 5.29
N TRP F 343 -5.49 -6.08 5.10
CA TRP F 343 -5.85 -6.42 3.74
C TRP F 343 -6.37 -5.19 3.01
N ASP F 344 -6.78 -4.16 3.73
CA ASP F 344 -6.93 -2.84 3.15
C ASP F 344 -5.58 -2.36 2.67
N SER F 345 -5.59 -1.63 1.55
CA SER F 345 -4.35 -1.31 0.86
C SER F 345 -3.36 -0.56 1.74
N PHE F 346 -3.83 0.10 2.79
CA PHE F 346 -3.02 1.04 3.55
C PHE F 346 -2.29 0.36 4.71
N LEU F 347 -1.33 1.09 5.26
CA LEU F 347 -0.74 0.82 6.56
C LEU F 347 -0.94 2.06 7.42
N LYS F 348 -1.21 1.85 8.71
CA LYS F 348 -1.40 2.95 9.65
C LYS F 348 -0.38 2.80 10.77
N ILE F 349 0.30 3.89 11.09
CA ILE F 349 1.22 3.91 12.22
C ILE F 349 0.46 4.37 13.45
N TRP F 350 0.14 3.43 14.32
CA TRP F 350 -0.66 3.71 15.50
C TRP F 350 0.28 3.99 16.67
N ASN F 351 0.21 5.21 17.20
CA ASN F 351 1.01 5.60 18.35
C ASN F 351 0.11 6.24 19.39
N GLY F 352 0.47 6.03 20.66
CA GLY F 352 -0.30 6.60 21.75
C GLY F 352 -0.19 8.11 21.76
N SER F 353 -1.31 8.81 21.62
CA SER F 353 -1.31 10.26 21.60
C SER F 353 -1.38 10.82 23.02
N SER F 354 -0.49 11.75 23.33
CA SER F 354 -0.46 12.38 24.64
C SER F 354 -1.42 13.56 24.69
#